data_8ZTP
#
_entry.id   8ZTP
#
_cell.length_a   55.516
_cell.length_b   91.380
_cell.length_c   161.114
_cell.angle_alpha   90.00
_cell.angle_beta   90.00
_cell.angle_gamma   90.00
#
_symmetry.space_group_name_H-M   'P 21 21 21'
#
loop_
_entity.id
_entity.type
_entity.pdbx_description
1 polymer 'cysteine desulfurase'
2 non-polymer "PYRIDOXAL-5'-PHOSPHATE"
#
_entity_poly.entity_id   1
_entity_poly.type   'polypeptide(L)'
_entity_poly.pdbx_seq_one_letter_code
;MLKNLRNEIEWFKNNPDYVYLDSGATSLKPKSVVDNMVYYCNNVCTNPHNDDSTFAHQAHIVMDDTKNKLSKVLGTKKEN
LVFTPNATYGLNSVAHFLKPFFNKGDEIVLTNAEHASNILPWYDIYEQYKAIHQEIKIQYVEVDYQSDNIENFLKKINKN
TKLVCFANETNLIGNSIDAIKLASEIKKINPNIFICVDATQYMAHNRMNLENSNIDFVVGSAHKMLGPTGIGFLYISSDL
IEKMKPNIVGGGMNFEIKRNYYSLLSGTAKFEAGTANIMAIYGWNKALDYYLDDDLENAKNKIFELKKYLDFELGKIEGI
KVLNKGINAFNSIFIKENIFSQDFSSYLGNKKIIVRSGLSCAKLANEILNLDHVVRVSYHFYTNKSDIDKLIKAVKEFKK
GDILNGLLLEHHHHHH
;
_entity_poly.pdbx_strand_id   A,B
#
loop_
_chem_comp.id
_chem_comp.type
_chem_comp.name
_chem_comp.formula
PLP non-polymer PYRIDOXAL-5'-PHOSPHATE 'C8 H10 N O6 P'
#
# COMPACT_ATOMS: atom_id res chain seq x y z
N MET A 1 9.97 -18.03 18.81
CA MET A 1 10.77 -17.65 19.98
C MET A 1 11.79 -16.57 19.62
N LEU A 2 11.76 -15.47 20.37
CA LEU A 2 12.64 -14.34 20.10
C LEU A 2 14.10 -14.61 20.43
N LYS A 3 14.39 -15.66 21.21
CA LYS A 3 15.78 -15.90 21.60
C LYS A 3 16.61 -16.39 20.42
N ASN A 4 16.05 -17.28 19.60
CA ASN A 4 16.72 -17.82 18.43
C ASN A 4 16.33 -17.05 17.16
N LEU A 5 16.10 -15.74 17.28
CA LEU A 5 15.77 -14.93 16.11
C LEU A 5 16.94 -14.85 15.14
N ARG A 6 18.16 -14.63 15.66
CA ARG A 6 19.34 -14.58 14.81
C ARG A 6 19.50 -15.86 14.00
N ASN A 7 19.14 -17.00 14.59
CA ASN A 7 19.26 -18.29 13.92
C ASN A 7 18.13 -18.54 12.92
N GLU A 8 17.09 -17.69 12.91
CA GLU A 8 16.00 -17.81 11.95
C GLU A 8 16.04 -16.78 10.84
N ILE A 9 16.77 -15.67 11.02
CA ILE A 9 16.92 -14.66 9.98
C ILE A 9 18.05 -15.12 9.06
N GLU A 10 17.70 -15.47 7.82
CA GLU A 10 18.69 -15.94 6.86
C GLU A 10 19.56 -14.81 6.33
N TRP A 11 19.22 -13.56 6.65
CA TRP A 11 20.08 -12.42 6.31
C TRP A 11 21.46 -12.57 6.95
N PHE A 12 21.50 -12.97 8.22
CA PHE A 12 22.78 -13.12 8.92
C PHE A 12 23.64 -14.23 8.34
N LYS A 13 23.03 -15.21 7.68
CA LYS A 13 23.78 -16.32 7.09
C LYS A 13 24.33 -15.97 5.72
N ASN A 14 23.59 -15.18 4.94
CA ASN A 14 24.04 -14.80 3.60
C ASN A 14 24.95 -13.58 3.60
N ASN A 15 24.78 -12.67 4.57
CA ASN A 15 25.63 -11.49 4.72
C ASN A 15 26.22 -11.50 6.13
N PRO A 16 27.16 -12.41 6.41
CA PRO A 16 27.72 -12.51 7.76
C PRO A 16 28.86 -11.55 8.07
N ASP A 17 29.37 -10.83 7.07
CA ASP A 17 30.36 -9.78 7.28
C ASP A 17 29.74 -8.40 7.42
N TYR A 18 28.42 -8.32 7.51
CA TYR A 18 27.70 -7.07 7.62
C TYR A 18 27.07 -6.93 9.01
N VAL A 19 26.98 -5.69 9.47
CA VAL A 19 26.40 -5.37 10.77
C VAL A 19 25.23 -4.44 10.51
N TYR A 20 24.02 -4.89 10.84
CA TYR A 20 22.79 -4.17 10.54
C TYR A 20 22.39 -3.36 11.77
N LEU A 21 22.51 -2.03 11.66
CA LEU A 21 22.04 -1.11 12.70
C LEU A 21 21.04 -0.10 12.17
N ASP A 22 20.44 -0.37 11.02
CA ASP A 22 19.32 0.43 10.53
C ASP A 22 18.02 -0.34 10.67
N SER A 23 17.77 -0.87 11.87
CA SER A 23 16.56 -1.65 12.12
C SER A 23 15.33 -0.77 12.34
N GLY A 24 15.53 0.52 12.61
CA GLY A 24 14.47 1.50 12.78
C GLY A 24 13.94 2.06 11.49
N ALA A 25 14.48 1.63 10.35
CA ALA A 25 13.96 1.95 9.02
C ALA A 25 13.18 0.78 8.42
N THR A 26 13.79 -0.42 8.40
CA THR A 26 13.08 -1.65 8.10
C THR A 26 13.76 -2.77 8.88
N SER A 27 13.00 -3.81 9.18
CA SER A 27 13.49 -4.89 10.02
C SER A 27 13.90 -6.09 9.17
N LEU A 28 14.90 -6.82 9.65
CA LEU A 28 15.25 -8.09 9.04
C LEU A 28 14.12 -9.08 9.24
N LYS A 29 13.99 -10.00 8.28
CA LYS A 29 12.81 -10.85 8.26
C LYS A 29 13.16 -12.30 8.55
N PRO A 30 12.45 -12.95 9.47
CA PRO A 30 12.72 -14.36 9.77
C PRO A 30 12.33 -15.26 8.61
N LYS A 31 12.67 -16.55 8.75
CA LYS A 31 12.39 -17.53 7.70
C LYS A 31 10.90 -17.82 7.59
N SER A 32 10.20 -17.89 8.73
CA SER A 32 8.77 -18.21 8.71
C SER A 32 7.99 -17.18 7.90
N VAL A 33 8.40 -15.91 7.97
CA VAL A 33 7.73 -14.86 7.21
C VAL A 33 7.89 -15.11 5.71
N VAL A 34 9.14 -15.22 5.24
CA VAL A 34 9.41 -15.38 3.82
C VAL A 34 8.80 -16.67 3.28
N ASP A 35 8.70 -17.70 4.13
CA ASP A 35 8.16 -18.98 3.67
C ASP A 35 6.65 -18.95 3.53
N ASN A 36 5.96 -18.25 4.44
CA ASN A 36 4.50 -18.16 4.33
C ASN A 36 4.08 -17.30 3.14
N MET A 37 4.89 -16.29 2.79
CA MET A 37 4.62 -15.54 1.58
C MET A 37 4.87 -16.40 0.34
N VAL A 38 5.87 -17.27 0.38
CA VAL A 38 6.09 -18.21 -0.71
C VAL A 38 4.92 -19.18 -0.83
N TYR A 39 4.40 -19.63 0.31
CA TYR A 39 3.29 -20.59 0.31
C TYR A 39 2.04 -20.00 -0.34
N TYR A 40 1.85 -18.67 -0.23
CA TYR A 40 0.73 -18.05 -0.94
C TYR A 40 0.96 -18.04 -2.44
N CYS A 41 2.13 -17.58 -2.87
CA CYS A 41 2.38 -17.40 -4.30
C CYS A 41 2.44 -18.72 -5.05
N ASN A 42 2.78 -19.82 -4.37
CA ASN A 42 2.98 -21.11 -5.03
C ASN A 42 1.98 -22.18 -4.62
N ASN A 43 1.24 -21.99 -3.53
CA ASN A 43 0.28 -22.99 -3.06
C ASN A 43 -1.13 -22.48 -2.91
N VAL A 44 -1.34 -21.16 -2.79
CA VAL A 44 -2.66 -20.60 -2.61
C VAL A 44 -3.00 -19.71 -3.79
N CYS A 45 -2.37 -18.53 -3.84
CA CYS A 45 -2.53 -17.56 -4.92
C CYS A 45 -3.99 -17.35 -5.29
N THR A 46 -4.77 -16.76 -4.38
CA THR A 46 -6.18 -16.51 -4.62
C THR A 46 -6.54 -15.12 -4.12
N ASN A 47 -7.64 -14.59 -4.64
CA ASN A 47 -8.12 -13.28 -4.22
C ASN A 47 -8.94 -13.40 -2.93
N PRO A 48 -8.86 -12.41 -2.04
CA PRO A 48 -9.71 -12.41 -0.86
C PRO A 48 -11.12 -11.91 -1.12
N HIS A 49 -11.45 -11.65 -2.38
CA HIS A 49 -12.81 -11.32 -2.80
C HIS A 49 -13.53 -12.53 -3.36
N ASN A 50 -13.00 -13.73 -3.11
CA ASN A 50 -13.59 -14.97 -3.56
C ASN A 50 -13.80 -15.88 -2.34
N ASP A 51 -15.01 -16.43 -2.23
CA ASP A 51 -15.30 -17.39 -1.16
C ASP A 51 -16.08 -18.60 -1.65
N ASP A 52 -16.19 -18.79 -2.97
CA ASP A 52 -16.94 -19.92 -3.50
C ASP A 52 -16.28 -21.24 -3.13
N SER A 53 -15.02 -21.42 -3.54
CA SER A 53 -14.27 -22.62 -3.19
C SER A 53 -13.75 -22.54 -1.77
N THR A 54 -13.48 -23.71 -1.19
CA THR A 54 -12.70 -23.76 0.04
C THR A 54 -11.25 -23.40 -0.21
N PHE A 55 -10.80 -23.50 -1.46
CA PHE A 55 -9.49 -22.96 -1.83
C PHE A 55 -9.42 -21.46 -1.59
N ALA A 56 -10.44 -20.74 -2.04
CA ALA A 56 -10.48 -19.29 -1.86
C ALA A 56 -10.74 -18.89 -0.41
N HIS A 57 -11.37 -19.78 0.38
CA HIS A 57 -11.63 -19.47 1.78
C HIS A 57 -10.39 -19.64 2.65
N GLN A 58 -9.37 -20.34 2.17
CA GLN A 58 -8.14 -20.48 2.93
C GLN A 58 -7.52 -19.13 3.25
N ALA A 59 -7.46 -18.24 2.25
CA ALA A 59 -6.88 -16.92 2.49
C ALA A 59 -7.69 -16.11 3.49
N HIS A 60 -9.02 -16.29 3.51
CA HIS A 60 -9.86 -15.55 4.45
C HIS A 60 -9.55 -15.90 5.90
N ILE A 61 -9.18 -17.14 6.18
CA ILE A 61 -8.88 -17.55 7.55
C ILE A 61 -7.53 -16.98 7.98
N VAL A 62 -6.55 -16.93 7.08
CA VAL A 62 -5.26 -16.35 7.41
C VAL A 62 -5.39 -14.85 7.69
N MET A 63 -6.30 -14.17 7.00
CA MET A 63 -6.54 -12.76 7.29
C MET A 63 -7.08 -12.56 8.70
N ASP A 64 -8.03 -13.42 9.11
CA ASP A 64 -8.64 -13.27 10.43
C ASP A 64 -7.71 -13.71 11.54
N ASP A 65 -6.85 -14.70 11.29
CA ASP A 65 -5.85 -15.08 12.28
C ASP A 65 -4.82 -13.98 12.46
N THR A 66 -4.41 -13.33 11.35
CA THR A 66 -3.50 -12.18 11.46
C THR A 66 -4.17 -11.04 12.22
N LYS A 67 -5.46 -10.82 11.98
CA LYS A 67 -6.18 -9.78 12.70
C LYS A 67 -6.44 -10.17 14.15
N ASN A 68 -6.58 -11.46 14.43
CA ASN A 68 -6.74 -11.91 15.81
C ASN A 68 -5.43 -11.80 16.58
N LYS A 69 -4.31 -12.09 15.91
CA LYS A 69 -3.00 -11.99 16.56
C LYS A 69 -2.64 -10.53 16.82
N LEU A 70 -2.92 -9.65 15.86
CA LEU A 70 -2.76 -8.23 16.09
C LEU A 70 -3.69 -7.74 17.18
N SER A 71 -4.88 -8.33 17.28
CA SER A 71 -5.80 -7.97 18.36
C SER A 71 -5.20 -8.32 19.71
N LYS A 72 -4.53 -9.48 19.81
CA LYS A 72 -3.89 -9.86 21.06
C LYS A 72 -2.70 -8.97 21.39
N VAL A 73 -2.03 -8.45 20.36
CA VAL A 73 -0.81 -7.68 20.56
C VAL A 73 -1.13 -6.23 20.93
N LEU A 74 -2.04 -5.60 20.19
CA LEU A 74 -2.47 -4.25 20.50
C LEU A 74 -3.49 -4.18 21.64
N GLY A 75 -3.91 -5.33 22.17
CA GLY A 75 -4.85 -5.35 23.27
C GLY A 75 -6.19 -4.77 22.92
N THR A 76 -6.83 -5.33 21.89
CA THR A 76 -8.14 -4.88 21.46
C THR A 76 -8.90 -6.01 20.78
N LYS A 77 -9.69 -5.70 19.76
CA LYS A 77 -10.46 -6.69 19.03
C LYS A 77 -10.13 -6.61 17.54
N LYS A 78 -10.28 -7.75 16.86
CA LYS A 78 -10.06 -7.81 15.42
C LYS A 78 -11.11 -7.01 14.65
N GLU A 79 -12.25 -6.71 15.28
CA GLU A 79 -13.28 -5.87 14.69
C GLU A 79 -12.99 -4.39 14.82
N ASN A 80 -11.79 -4.03 15.30
CA ASN A 80 -11.36 -2.64 15.39
C ASN A 80 -10.16 -2.33 14.52
N LEU A 81 -9.62 -3.31 13.81
CA LEU A 81 -8.38 -3.15 13.05
C LEU A 81 -8.68 -3.13 11.57
N VAL A 82 -7.98 -2.25 10.84
CA VAL A 82 -8.09 -2.11 9.40
C VAL A 82 -6.72 -2.29 8.79
N PHE A 83 -6.64 -3.09 7.71
CA PHE A 83 -5.37 -3.32 7.03
C PHE A 83 -5.07 -2.14 6.10
N THR A 84 -4.05 -1.36 6.46
CA THR A 84 -3.58 -0.23 5.67
C THR A 84 -2.32 -0.60 4.90
N PRO A 85 -2.01 0.12 3.80
CA PRO A 85 -0.75 -0.16 3.08
C PRO A 85 0.48 0.10 3.94
N ASN A 86 0.56 1.27 4.55
CA ASN A 86 1.64 1.59 5.48
C ASN A 86 1.01 2.21 6.72
N ALA A 87 1.83 2.89 7.51
CA ALA A 87 1.35 3.81 8.54
C ALA A 87 1.17 5.22 8.01
N THR A 88 2.00 5.64 7.05
CA THR A 88 1.78 6.93 6.38
C THR A 88 0.43 6.96 5.69
N TYR A 89 -0.07 5.81 5.24
CA TYR A 89 -1.36 5.71 4.57
C TYR A 89 -2.52 5.63 5.54
N GLY A 90 -2.28 5.18 6.77
CA GLY A 90 -3.32 5.16 7.79
C GLY A 90 -3.44 6.50 8.49
N LEU A 91 -2.32 7.22 8.59
CA LEU A 91 -2.33 8.56 9.16
C LEU A 91 -2.97 9.58 8.22
N ASN A 92 -2.84 9.37 6.91
CA ASN A 92 -3.53 10.23 5.96
C ASN A 92 -5.02 9.94 5.90
N SER A 93 -5.43 8.71 6.21
CA SER A 93 -6.85 8.40 6.30
C SER A 93 -7.48 9.05 7.52
N VAL A 94 -6.78 9.05 8.64
CA VAL A 94 -7.28 9.71 9.85
C VAL A 94 -7.43 11.21 9.59
N ALA A 95 -6.48 11.81 8.87
CA ALA A 95 -6.56 13.23 8.56
C ALA A 95 -7.77 13.52 7.67
N HIS A 96 -8.02 12.67 6.69
CA HIS A 96 -9.15 12.86 5.78
C HIS A 96 -10.47 12.41 6.40
N PHE A 97 -10.43 11.72 7.54
CA PHE A 97 -11.65 11.39 8.28
C PHE A 97 -12.05 12.49 9.26
N LEU A 98 -11.07 13.09 9.93
CA LEU A 98 -11.33 14.15 10.90
C LEU A 98 -11.24 15.55 10.28
N LYS A 99 -11.00 15.66 8.98
CA LYS A 99 -10.98 16.97 8.34
C LYS A 99 -12.31 17.70 8.45
N PRO A 100 -13.47 17.10 8.12
CA PRO A 100 -14.72 17.87 8.18
C PRO A 100 -15.19 18.20 9.60
N PHE A 101 -14.61 17.58 10.63
CA PHE A 101 -15.02 17.84 12.00
C PHE A 101 -14.25 18.98 12.65
N PHE A 102 -13.38 19.66 11.90
CA PHE A 102 -12.65 20.81 12.43
C PHE A 102 -13.47 22.09 12.25
N ASN A 103 -13.26 23.02 13.17
CA ASN A 103 -13.91 24.32 13.13
C ASN A 103 -12.85 25.40 13.21
N LYS A 104 -13.28 26.65 13.06
CA LYS A 104 -12.37 27.78 13.19
C LYS A 104 -11.98 27.96 14.65
N GLY A 105 -10.68 28.04 14.91
CA GLY A 105 -10.16 28.16 16.26
C GLY A 105 -9.76 26.85 16.90
N ASP A 106 -9.98 25.73 16.23
CA ASP A 106 -9.57 24.43 16.76
C ASP A 106 -8.05 24.24 16.59
N GLU A 107 -7.45 23.48 17.50
CA GLU A 107 -6.01 23.36 17.57
C GLU A 107 -5.57 21.92 17.39
N ILE A 108 -4.35 21.75 16.88
CA ILE A 108 -3.73 20.44 16.69
C ILE A 108 -2.38 20.47 17.39
N VAL A 109 -2.26 19.76 18.50
CA VAL A 109 -1.03 19.73 19.26
C VAL A 109 -0.19 18.56 18.73
N LEU A 110 0.96 18.88 18.12
CA LEU A 110 1.91 17.90 17.62
C LEU A 110 3.19 17.97 18.47
N THR A 111 4.31 17.65 17.87
CA THR A 111 5.56 17.53 18.63
C THR A 111 6.70 17.76 17.67
N ASN A 112 7.85 18.14 18.22
CA ASN A 112 9.03 18.38 17.40
C ASN A 112 9.80 17.11 17.07
N ALA A 113 9.45 15.98 17.68
CA ALA A 113 10.14 14.71 17.46
C ALA A 113 9.28 13.74 16.66
N GLU A 114 8.32 14.26 15.90
CA GLU A 114 7.41 13.41 15.15
C GLU A 114 7.97 13.09 13.76
N HIS A 115 7.56 11.93 13.24
CA HIS A 115 7.87 11.59 11.87
C HIS A 115 7.20 12.56 10.91
N ALA A 116 7.73 12.61 9.67
CA ALA A 116 7.11 13.43 8.64
C ALA A 116 5.72 12.95 8.26
N SER A 117 5.29 11.78 8.77
CA SER A 117 3.97 11.25 8.54
C SER A 117 3.01 11.52 9.70
N ASN A 118 3.53 11.96 10.85
CA ASN A 118 2.71 12.50 11.92
C ASN A 118 2.75 14.03 11.96
N ILE A 119 3.16 14.66 10.86
CA ILE A 119 3.34 16.10 10.79
C ILE A 119 2.63 16.64 9.56
N LEU A 120 3.00 16.14 8.39
CA LEU A 120 2.52 16.66 7.11
C LEU A 120 1.06 16.33 6.81
N PRO A 121 0.53 15.16 7.19
CA PRO A 121 -0.92 14.95 6.99
C PRO A 121 -1.78 15.93 7.76
N TRP A 122 -1.26 16.57 8.81
CA TRP A 122 -2.00 17.55 9.57
C TRP A 122 -1.69 19.00 9.18
N TYR A 123 -0.56 19.23 8.51
CA TYR A 123 -0.36 20.51 7.84
C TYR A 123 -1.39 20.71 6.73
N ASP A 124 -1.78 19.62 6.07
CA ASP A 124 -2.69 19.72 4.92
C ASP A 124 -4.07 20.20 5.35
N ILE A 125 -4.58 19.71 6.48
CA ILE A 125 -5.83 20.25 7.02
C ILE A 125 -5.63 21.70 7.45
N TYR A 126 -4.41 22.04 7.86
CA TYR A 126 -4.11 23.41 8.30
C TYR A 126 -4.16 24.39 7.15
N GLU A 127 -3.48 24.07 6.03
CA GLU A 127 -3.50 24.99 4.90
C GLU A 127 -4.85 24.97 4.17
N GLN A 128 -5.51 23.80 4.14
CA GLN A 128 -6.85 23.74 3.54
C GLN A 128 -7.82 24.66 4.27
N TYR A 129 -7.77 24.64 5.60
CA TYR A 129 -8.75 25.40 6.37
C TYR A 129 -8.49 26.90 6.26
N LYS A 130 -7.22 27.30 6.23
CA LYS A 130 -6.91 28.72 6.02
C LYS A 130 -7.48 29.22 4.70
N ALA A 131 -7.49 28.35 3.67
CA ALA A 131 -7.99 28.78 2.37
C ALA A 131 -9.51 28.95 2.37
N ILE A 132 -10.22 28.17 3.18
CA ILE A 132 -11.67 28.25 3.26
C ILE A 132 -12.07 29.28 4.31
N HIS A 133 -11.12 30.12 4.69
CA HIS A 133 -11.26 31.23 5.64
C HIS A 133 -11.68 30.79 7.04
N GLN A 134 -11.78 29.50 7.30
CA GLN A 134 -11.60 29.08 8.68
C GLN A 134 -10.11 29.16 9.01
N GLU A 135 -9.77 28.91 10.27
CA GLU A 135 -8.35 28.89 10.66
C GLU A 135 -8.17 27.99 11.86
N ILE A 136 -7.50 26.88 11.66
CA ILE A 136 -7.01 26.06 12.74
C ILE A 136 -5.55 26.42 12.96
N LYS A 137 -5.05 26.16 14.16
CA LYS A 137 -3.66 26.43 14.49
C LYS A 137 -3.02 25.17 15.05
N ILE A 138 -1.71 25.06 14.86
CA ILE A 138 -0.94 23.89 15.27
C ILE A 138 -0.04 24.29 16.43
N GLN A 139 -0.07 23.49 17.49
CA GLN A 139 0.79 23.68 18.65
C GLN A 139 1.82 22.57 18.69
N TYR A 140 3.08 22.93 18.90
CA TYR A 140 4.18 21.99 18.86
C TYR A 140 4.76 21.81 20.26
N VAL A 141 4.70 20.59 20.76
CA VAL A 141 5.27 20.28 22.07
C VAL A 141 6.79 20.18 21.94
N GLU A 142 7.49 20.92 22.81
CA GLU A 142 8.94 20.84 22.88
C GLU A 142 9.33 19.68 23.79
N VAL A 143 10.07 18.72 23.26
CA VAL A 143 10.37 17.49 23.99
C VAL A 143 11.66 17.63 24.78
N ASP A 144 11.60 17.23 26.05
CA ASP A 144 12.76 16.80 26.80
C ASP A 144 12.89 15.29 26.62
N TYR A 145 14.03 14.82 26.12
CA TYR A 145 14.18 13.40 25.84
C TYR A 145 14.31 12.56 27.10
N GLN A 146 14.48 13.18 28.26
CA GLN A 146 14.64 12.47 29.53
C GLN A 146 13.39 12.53 30.40
N SER A 147 12.27 12.98 29.87
CA SER A 147 11.06 13.17 30.66
C SER A 147 9.94 12.28 30.13
N ASP A 148 8.88 12.14 30.94
CA ASP A 148 7.67 11.49 30.49
C ASP A 148 6.91 12.33 29.47
N ASN A 149 7.18 13.64 29.40
CA ASN A 149 6.54 14.55 28.47
C ASN A 149 5.02 14.50 28.58
N ILE A 150 4.53 14.55 29.82
CA ILE A 150 3.10 14.62 30.09
C ILE A 150 2.65 16.06 30.34
N GLU A 151 3.33 16.77 31.25
CA GLU A 151 2.99 18.18 31.48
C GLU A 151 3.42 19.04 30.31
N ASN A 152 4.54 18.70 29.65
CA ASN A 152 4.93 19.37 28.42
C ASN A 152 3.89 19.18 27.32
N PHE A 153 3.03 18.18 27.47
CA PHE A 153 1.90 17.98 26.56
C PHE A 153 0.65 18.71 27.05
N LEU A 154 0.30 18.55 28.33
CA LEU A 154 -0.93 19.14 28.87
C LEU A 154 -0.88 20.66 28.92
N LYS A 155 0.29 21.27 28.82
CA LYS A 155 0.41 22.73 28.78
C LYS A 155 0.02 23.31 27.44
N LYS A 156 -0.16 22.48 26.41
CA LYS A 156 -0.54 22.94 25.08
C LYS A 156 -1.96 22.57 24.72
N ILE A 157 -2.66 21.83 25.59
CA ILE A 157 -4.05 21.44 25.34
C ILE A 157 -4.97 22.45 26.01
N ASN A 158 -5.84 23.08 25.23
CA ASN A 158 -6.83 24.00 25.76
C ASN A 158 -8.23 23.48 25.47
N LYS A 159 -9.23 24.33 25.61
CA LYS A 159 -10.60 23.96 25.24
C LYS A 159 -10.83 24.03 23.73
N ASN A 160 -9.90 24.62 22.99
CA ASN A 160 -9.97 24.68 21.53
C ASN A 160 -9.34 23.47 20.86
N THR A 161 -8.58 22.66 21.59
CA THR A 161 -7.88 21.54 20.99
C THR A 161 -8.87 20.48 20.51
N LYS A 162 -8.66 20.01 19.28
CA LYS A 162 -9.48 18.96 18.69
C LYS A 162 -8.73 17.67 18.42
N LEU A 163 -7.43 17.73 18.17
CA LEU A 163 -6.64 16.53 17.89
C LEU A 163 -5.30 16.60 18.59
N VAL A 164 -4.97 15.57 19.35
CA VAL A 164 -3.65 15.39 19.94
C VAL A 164 -3.00 14.24 19.18
N CYS A 165 -2.05 14.56 18.32
CA CYS A 165 -1.34 13.58 17.51
C CYS A 165 0.10 13.48 18.00
N PHE A 166 0.44 12.35 18.62
CA PHE A 166 1.76 12.11 19.15
C PHE A 166 2.20 10.70 18.76
N ALA A 167 3.41 10.33 19.16
CA ALA A 167 3.97 9.03 18.85
C ALA A 167 4.44 8.37 20.14
N ASN A 168 4.08 7.10 20.32
CA ASN A 168 4.49 6.38 21.52
C ASN A 168 6.00 6.33 21.65
N GLU A 169 6.69 5.90 20.60
CA GLU A 169 8.14 5.87 20.56
C GLU A 169 8.61 6.62 19.31
N THR A 170 9.47 7.62 19.50
CA THR A 170 9.93 8.41 18.38
C THR A 170 11.03 7.68 17.63
N ASN A 171 11.22 8.07 16.37
CA ASN A 171 12.10 7.31 15.49
C ASN A 171 13.56 7.71 15.66
N LEU A 172 13.85 9.01 15.74
CA LEU A 172 15.22 9.50 15.84
C LEU A 172 15.70 9.56 17.29
N ILE A 173 15.03 10.37 18.12
CA ILE A 173 15.47 10.52 19.51
C ILE A 173 15.28 9.22 20.28
N GLY A 174 14.12 8.58 20.11
CA GLY A 174 13.85 7.30 20.75
C GLY A 174 13.09 7.39 22.06
N ASN A 175 12.72 8.59 22.50
CA ASN A 175 11.97 8.72 23.75
C ASN A 175 10.62 8.03 23.64
N SER A 176 10.10 7.62 24.80
CA SER A 176 8.84 6.90 24.87
C SER A 176 7.84 7.66 25.73
N ILE A 177 6.57 7.64 25.31
CA ILE A 177 5.49 8.28 26.04
C ILE A 177 4.40 7.24 26.32
N ASP A 178 3.80 7.33 27.51
CA ASP A 178 2.60 6.56 27.80
C ASP A 178 1.43 7.12 27.01
N ALA A 179 0.79 6.26 26.22
CA ALA A 179 -0.37 6.68 25.45
C ALA A 179 -1.63 6.69 26.31
N ILE A 180 -1.86 5.62 27.08
CA ILE A 180 -3.07 5.54 27.90
C ILE A 180 -3.07 6.61 28.98
N LYS A 181 -1.94 6.81 29.66
CA LYS A 181 -1.86 7.83 30.69
C LYS A 181 -2.13 9.22 30.12
N LEU A 182 -1.44 9.57 29.04
CA LEU A 182 -1.64 10.89 28.44
C LEU A 182 -3.06 11.03 27.88
N ALA A 183 -3.63 9.95 27.34
CA ALA A 183 -4.99 10.03 26.82
C ALA A 183 -6.00 10.31 27.93
N SER A 184 -5.84 9.68 29.09
CA SER A 184 -6.77 9.92 30.19
C SER A 184 -6.71 11.38 30.65
N GLU A 185 -5.50 11.96 30.69
CA GLU A 185 -5.37 13.34 31.11
C GLU A 185 -5.94 14.30 30.07
N ILE A 186 -5.77 13.99 28.79
CA ILE A 186 -6.36 14.82 27.74
C ILE A 186 -7.88 14.71 27.77
N LYS A 187 -8.41 13.54 28.14
CA LYS A 187 -9.85 13.35 28.22
C LYS A 187 -10.46 13.93 29.50
N LYS A 188 -9.64 14.30 30.48
CA LYS A 188 -10.12 15.07 31.62
C LYS A 188 -10.03 16.58 31.38
N ILE A 189 -9.30 17.00 30.35
CA ILE A 189 -9.34 18.38 29.89
C ILE A 189 -10.53 18.61 28.96
N ASN A 190 -10.73 17.70 28.00
CA ASN A 190 -11.88 17.68 27.12
C ASN A 190 -12.09 16.28 26.56
N PRO A 191 -13.20 15.61 26.87
CA PRO A 191 -13.43 14.26 26.35
C PRO A 191 -13.86 14.21 24.90
N ASN A 192 -13.80 15.33 24.18
CA ASN A 192 -14.17 15.38 22.77
C ASN A 192 -12.95 15.61 21.88
N ILE A 193 -11.75 15.41 22.40
CA ILE A 193 -10.52 15.54 21.61
C ILE A 193 -10.20 14.20 20.98
N PHE A 194 -9.80 14.22 19.71
CA PHE A 194 -9.29 13.02 19.07
C PHE A 194 -7.82 12.83 19.41
N ILE A 195 -7.43 11.56 19.57
CA ILE A 195 -6.06 11.21 19.93
C ILE A 195 -5.57 10.16 18.95
N CYS A 196 -4.55 10.51 18.17
CA CYS A 196 -3.94 9.61 17.20
C CYS A 196 -2.49 9.38 17.60
N VAL A 197 -2.09 8.11 17.66
CA VAL A 197 -0.75 7.73 18.07
C VAL A 197 -0.02 7.05 16.92
N ASP A 198 1.25 7.38 16.76
CA ASP A 198 2.12 6.77 15.75
C ASP A 198 2.99 5.74 16.46
N ALA A 199 2.49 4.50 16.51
CA ALA A 199 3.18 3.40 17.17
C ALA A 199 3.94 2.53 16.19
N THR A 200 4.40 3.09 15.07
CA THR A 200 5.20 2.34 14.12
C THR A 200 6.54 1.93 14.73
N GLN A 201 7.05 2.72 15.67
CA GLN A 201 8.24 2.37 16.44
C GLN A 201 7.91 1.57 17.70
N TYR A 202 6.86 2.00 18.42
CA TYR A 202 6.49 1.35 19.67
C TYR A 202 6.11 -0.11 19.45
N MET A 203 5.36 -0.40 18.39
CA MET A 203 4.87 -1.74 18.15
C MET A 203 5.87 -2.63 17.44
N ALA A 204 7.04 -2.11 17.11
CA ALA A 204 8.15 -2.94 16.64
C ALA A 204 8.91 -3.59 17.80
N HIS A 205 8.64 -3.18 19.04
CA HIS A 205 9.35 -3.66 20.22
C HIS A 205 8.46 -4.05 21.39
N ASN A 206 7.24 -3.52 21.48
CA ASN A 206 6.40 -3.67 22.66
C ASN A 206 5.00 -4.13 22.24
N ARG A 207 4.13 -4.26 23.23
CA ARG A 207 2.72 -4.51 23.04
C ARG A 207 1.91 -3.46 23.77
N MET A 208 0.63 -3.36 23.43
CA MET A 208 -0.24 -2.36 24.04
C MET A 208 -1.55 -2.99 24.47
N ASN A 209 -2.32 -2.23 25.24
CA ASN A 209 -3.69 -2.56 25.61
C ASN A 209 -4.55 -1.37 25.21
N LEU A 210 -5.21 -1.49 24.05
CA LEU A 210 -6.01 -0.41 23.49
C LEU A 210 -7.49 -0.57 23.81
N GLU A 211 -7.86 -1.58 24.59
CA GLU A 211 -9.22 -1.68 25.11
C GLU A 211 -9.44 -0.62 26.18
N ASN A 212 -10.47 0.22 25.98
CA ASN A 212 -10.80 1.30 26.91
C ASN A 212 -9.57 2.17 27.20
N SER A 213 -9.09 2.78 26.12
CA SER A 213 -7.82 3.51 26.16
C SER A 213 -7.96 5.02 25.99
N ASN A 214 -9.12 5.51 25.59
CA ASN A 214 -9.34 6.91 25.21
C ASN A 214 -8.49 7.34 24.02
N ILE A 215 -7.87 6.38 23.33
CA ILE A 215 -7.19 6.63 22.07
C ILE A 215 -8.12 6.21 20.94
N ASP A 216 -8.34 7.12 20.00
CA ASP A 216 -9.27 6.86 18.90
C ASP A 216 -8.59 6.24 17.68
N PHE A 217 -7.30 6.52 17.47
CA PHE A 217 -6.57 5.95 16.35
C PHE A 217 -5.15 5.61 16.77
N VAL A 218 -4.72 4.39 16.43
CA VAL A 218 -3.34 3.97 16.55
C VAL A 218 -2.91 3.40 15.20
N VAL A 219 -1.69 3.73 14.77
CA VAL A 219 -1.19 3.28 13.49
C VAL A 219 0.12 2.53 13.71
N GLY A 220 0.51 1.77 12.70
CA GLY A 220 1.75 1.02 12.73
C GLY A 220 1.96 0.33 11.41
N SER A 221 3.15 -0.23 11.25
CA SER A 221 3.51 -0.94 10.02
C SER A 221 4.08 -2.30 10.39
N ALA A 222 4.26 -3.13 9.37
CA ALA A 222 4.74 -4.49 9.57
C ALA A 222 6.23 -4.65 9.27
N HIS A 223 6.79 -3.88 8.34
CA HIS A 223 8.19 -4.03 8.00
C HIS A 223 9.12 -3.64 9.15
N LYS A 224 8.59 -3.05 10.21
CA LYS A 224 9.35 -2.77 11.41
C LYS A 224 9.07 -3.79 12.51
N MET A 225 7.95 -4.51 12.42
CA MET A 225 7.58 -5.59 13.33
C MET A 225 8.03 -6.96 12.83
N LEU A 226 9.25 -7.06 12.30
CA LEU A 226 9.81 -8.32 11.79
C LEU A 226 8.91 -8.93 10.71
N GLY A 227 8.26 -8.07 9.94
CA GLY A 227 7.32 -8.51 8.94
C GLY A 227 7.61 -7.97 7.56
N PRO A 228 6.65 -8.13 6.65
CA PRO A 228 6.87 -7.73 5.26
C PRO A 228 6.59 -6.25 5.02
N THR A 229 6.87 -5.82 3.79
CA THR A 229 6.58 -4.47 3.34
C THR A 229 5.25 -4.45 2.59
N GLY A 230 4.55 -3.33 2.70
CA GLY A 230 3.29 -3.14 2.02
C GLY A 230 2.05 -3.43 2.83
N ILE A 231 2.15 -3.51 4.16
CA ILE A 231 0.98 -3.71 5.01
C ILE A 231 1.24 -3.07 6.36
N GLY A 232 0.17 -2.51 6.94
CA GLY A 232 0.20 -1.91 8.25
C GLY A 232 -1.15 -2.12 8.93
N PHE A 233 -1.43 -1.36 9.99
CA PHE A 233 -2.71 -1.49 10.66
C PHE A 233 -3.24 -0.11 11.04
N LEU A 234 -4.53 -0.09 11.36
CA LEU A 234 -5.21 1.13 11.80
C LEU A 234 -6.31 0.72 12.78
N TYR A 235 -6.18 1.16 14.03
CA TYR A 235 -7.15 0.86 15.07
C TYR A 235 -8.13 2.03 15.19
N ILE A 236 -9.42 1.73 15.13
CA ILE A 236 -10.48 2.73 15.23
C ILE A 236 -11.37 2.38 16.41
N SER A 237 -11.61 3.35 17.29
CA SER A 237 -12.42 3.10 18.48
C SER A 237 -13.84 2.72 18.09
N SER A 238 -14.49 1.96 18.97
CA SER A 238 -15.77 1.31 18.64
C SER A 238 -16.83 2.32 18.25
N ASP A 239 -16.75 3.55 18.75
CA ASP A 239 -17.74 4.57 18.38
C ASP A 239 -17.52 5.06 16.95
N LEU A 240 -16.27 5.36 16.59
CA LEU A 240 -16.01 6.11 15.38
C LEU A 240 -16.23 5.28 14.12
N ILE A 241 -16.12 3.95 14.22
CA ILE A 241 -16.31 3.09 13.07
C ILE A 241 -17.72 3.24 12.51
N LYS A 245 -15.91 7.53 7.86
CA LYS A 245 -16.16 7.57 6.42
C LYS A 245 -14.90 7.20 5.65
N PRO A 246 -14.99 6.12 4.89
CA PRO A 246 -13.79 5.58 4.22
C PRO A 246 -13.11 6.63 3.35
N ASN A 247 -11.79 6.78 3.55
CA ASN A 247 -11.02 7.70 2.74
C ASN A 247 -10.80 7.18 1.33
N ILE A 248 -10.58 5.87 1.20
CA ILE A 248 -10.37 5.22 -0.10
C ILE A 248 -11.64 4.46 -0.45
N VAL A 249 -12.10 4.63 -1.69
CA VAL A 249 -13.35 4.06 -2.16
C VAL A 249 -13.07 3.18 -3.37
N GLY A 250 -13.60 1.96 -3.36
CA GLY A 250 -13.40 1.01 -4.44
C GLY A 250 -13.91 -0.37 -4.13
N GLY A 251 -13.15 -1.40 -4.49
CA GLY A 251 -13.59 -2.76 -4.26
C GLY A 251 -13.48 -3.18 -2.81
N GLY A 252 -14.26 -4.19 -2.45
CA GLY A 252 -14.25 -4.71 -1.09
C GLY A 252 -14.70 -3.71 -0.05
N MET A 253 -15.47 -2.70 -0.45
CA MET A 253 -15.91 -1.65 0.46
C MET A 253 -17.41 -1.38 0.38
N ASN A 254 -18.07 -1.74 -0.70
CA ASN A 254 -19.45 -1.34 -0.96
C ASN A 254 -20.42 -2.46 -0.62
N PHE A 255 -21.59 -2.07 -0.12
CA PHE A 255 -22.74 -2.96 0.02
C PHE A 255 -23.64 -2.96 -1.21
N GLU A 256 -23.88 -1.78 -1.77
CA GLU A 256 -24.79 -1.63 -2.91
C GLU A 256 -24.36 -0.41 -3.70
N ILE A 257 -24.04 -0.61 -4.98
CA ILE A 257 -23.68 0.47 -5.88
C ILE A 257 -24.78 0.63 -6.91
N LYS A 258 -25.36 1.84 -6.98
CA LYS A 258 -26.28 2.20 -8.04
C LYS A 258 -25.76 3.43 -8.77
N ARG A 259 -26.65 4.20 -9.38
CA ARG A 259 -26.27 5.43 -10.06
C ARG A 259 -26.46 6.62 -9.14
N ASN A 260 -25.40 7.40 -8.95
CA ASN A 260 -25.40 8.58 -8.08
C ASN A 260 -25.78 8.20 -6.64
N TYR A 261 -25.36 7.00 -6.23
CA TYR A 261 -25.63 6.48 -4.89
C TYR A 261 -24.81 5.21 -4.69
N TYR A 262 -24.31 5.04 -3.46
CA TYR A 262 -23.69 3.78 -3.07
C TYR A 262 -23.74 3.68 -1.55
N SER A 263 -23.52 2.48 -1.04
CA SER A 263 -23.56 2.20 0.38
C SER A 263 -22.22 1.66 0.84
N LEU A 264 -21.87 1.97 2.09
CA LEU A 264 -20.69 1.39 2.72
C LEU A 264 -21.05 0.05 3.34
N LEU A 265 -20.07 -0.86 3.38
CA LEU A 265 -20.28 -2.15 4.00
C LEU A 265 -20.22 -2.02 5.52
N SER A 266 -20.77 -3.02 6.20
CA SER A 266 -20.86 -2.99 7.67
C SER A 266 -19.60 -3.59 8.27
N GLY A 267 -18.96 -2.83 9.17
CA GLY A 267 -17.78 -3.32 9.87
C GLY A 267 -16.53 -2.52 9.59
N THR A 268 -15.37 -3.18 9.69
CA THR A 268 -14.09 -2.55 9.35
C THR A 268 -13.73 -2.73 7.88
N ALA A 269 -14.49 -3.53 7.13
CA ALA A 269 -14.25 -3.72 5.71
C ALA A 269 -14.60 -2.49 4.88
N LYS A 270 -15.31 -1.51 5.45
CA LYS A 270 -15.63 -0.31 4.69
C LYS A 270 -14.39 0.53 4.41
N PHE A 271 -13.40 0.50 5.30
CA PHE A 271 -12.20 1.29 5.09
C PHE A 271 -11.15 0.57 4.25
N GLU A 272 -11.10 -0.76 4.33
CA GLU A 272 -10.19 -1.55 3.51
C GLU A 272 -10.72 -1.59 2.08
N ALA A 273 -10.19 -0.74 1.22
CA ALA A 273 -10.68 -0.57 -0.14
C ALA A 273 -9.72 -1.22 -1.13
N GLY A 274 -10.25 -2.09 -1.97
CA GLY A 274 -9.48 -2.78 -2.99
C GLY A 274 -9.06 -4.16 -2.56
N THR A 275 -8.26 -4.79 -3.41
CA THR A 275 -7.67 -6.08 -3.07
C THR A 275 -6.58 -5.90 -2.03
N ALA A 276 -6.62 -6.73 -1.01
CA ALA A 276 -5.67 -6.66 0.10
C ALA A 276 -4.37 -7.38 -0.27
N ASN A 277 -3.29 -6.95 0.36
CA ASN A 277 -1.99 -7.60 0.19
C ASN A 277 -1.97 -8.92 0.96
N ILE A 278 -2.49 -9.98 0.35
CA ILE A 278 -2.61 -11.26 1.06
C ILE A 278 -1.23 -11.85 1.31
N MET A 279 -0.30 -11.70 0.36
CA MET A 279 1.06 -12.16 0.57
C MET A 279 1.67 -11.57 1.84
N ALA A 280 1.43 -10.27 2.08
CA ALA A 280 1.89 -9.65 3.31
C ALA A 280 1.10 -10.12 4.53
N ILE A 281 -0.20 -10.39 4.36
CA ILE A 281 -0.99 -10.94 5.45
C ILE A 281 -0.44 -12.30 5.86
N TYR A 282 0.00 -13.11 4.89
CA TYR A 282 0.59 -14.40 5.20
C TYR A 282 1.92 -14.24 5.93
N GLY A 283 2.75 -13.28 5.50
CA GLY A 283 4.02 -13.07 6.16
C GLY A 283 3.89 -12.51 7.56
N TRP A 284 2.90 -11.64 7.77
CA TRP A 284 2.68 -11.06 9.09
C TRP A 284 2.06 -12.05 10.06
N ASN A 285 1.36 -13.07 9.56
CA ASN A 285 0.83 -14.10 10.43
C ASN A 285 1.95 -14.85 11.14
N LYS A 286 3.08 -15.05 10.45
CA LYS A 286 4.22 -15.73 11.05
C LYS A 286 5.13 -14.78 11.82
N ALA A 287 4.94 -13.47 11.67
CA ALA A 287 5.71 -12.48 12.39
C ALA A 287 5.06 -12.04 13.69
N LEU A 288 3.72 -12.08 13.77
CA LEU A 288 3.02 -11.74 14.99
C LEU A 288 3.09 -12.83 16.05
N ASP A 289 3.75 -13.95 15.75
CA ASP A 289 3.99 -15.00 16.73
C ASP A 289 5.20 -14.73 17.61
N TYR A 290 6.17 -13.97 17.11
CA TYR A 290 7.28 -13.53 17.96
C TYR A 290 6.85 -12.46 18.94
N TYR A 291 5.79 -11.71 18.63
CA TYR A 291 5.28 -10.68 19.52
C TYR A 291 4.28 -11.23 20.53
N LEU A 292 3.85 -12.48 20.38
CA LEU A 292 3.11 -13.19 21.42
C LEU A 292 4.03 -14.07 22.27
N ASP A 293 5.28 -13.64 22.46
CA ASP A 293 6.26 -14.33 23.28
C ASP A 293 6.31 -13.70 24.66
N ASP A 294 6.72 -14.51 25.64
CA ASP A 294 6.89 -14.03 27.01
C ASP A 294 8.26 -13.40 27.25
N ASP A 295 9.22 -13.60 26.35
CA ASP A 295 10.53 -12.97 26.46
C ASP A 295 10.59 -11.61 25.78
N LEU A 296 9.43 -11.00 25.50
CA LEU A 296 9.43 -9.67 24.90
C LEU A 296 10.15 -8.67 25.78
N GLU A 297 9.80 -8.62 27.08
CA GLU A 297 10.46 -7.70 28.00
C GLU A 297 11.92 -8.07 28.20
N ASN A 298 12.23 -9.37 28.28
CA ASN A 298 13.61 -9.80 28.48
C ASN A 298 14.48 -9.54 27.26
N ALA A 299 13.88 -9.50 26.07
CA ALA A 299 14.60 -9.12 24.86
C ALA A 299 14.57 -7.62 24.61
N LYS A 300 13.67 -6.89 25.27
CA LYS A 300 13.75 -5.43 25.28
C LYS A 300 14.84 -4.96 26.23
N ASN A 301 14.99 -5.64 27.37
CA ASN A 301 16.01 -5.28 28.35
C ASN A 301 17.40 -5.70 27.90
N LYS A 302 17.51 -6.74 27.07
CA LYS A 302 18.79 -7.04 26.45
C LYS A 302 19.24 -5.90 25.54
N ILE A 303 18.30 -5.27 24.86
CA ILE A 303 18.63 -4.12 24.02
C ILE A 303 18.95 -2.91 24.88
N PHE A 304 18.17 -2.69 25.95
CA PHE A 304 18.44 -1.59 26.86
C PHE A 304 19.82 -1.71 27.48
N GLU A 305 20.26 -2.94 27.77
CA GLU A 305 21.60 -3.15 28.29
C GLU A 305 22.66 -2.87 27.24
N LEU A 306 22.39 -3.21 25.99
CA LEU A 306 23.35 -2.94 24.92
C LEU A 306 23.40 -1.46 24.57
N LYS A 307 22.31 -0.72 24.80
CA LYS A 307 22.34 0.73 24.62
C LYS A 307 23.29 1.38 25.61
N LYS A 308 23.17 1.04 26.89
CA LYS A 308 24.08 1.54 27.92
C LYS A 308 25.53 1.25 27.56
N TYR A 309 25.79 0.03 27.10
CA TYR A 309 27.16 -0.40 26.83
C TYR A 309 27.78 0.40 25.70
N LEU A 310 27.03 0.60 24.61
CA LEU A 310 27.51 1.42 23.51
C LEU A 310 27.68 2.88 23.94
N ASP A 311 26.65 3.45 24.58
CA ASP A 311 26.72 4.84 25.00
C ASP A 311 27.92 5.09 25.89
N PHE A 312 28.12 4.26 26.92
CA PHE A 312 29.29 4.39 27.79
C PHE A 312 30.58 4.32 26.97
N GLU A 313 30.68 3.31 26.09
CA GLU A 313 31.92 3.09 25.36
C GLU A 313 32.17 4.17 24.32
N LEU A 314 31.11 4.64 23.66
CA LEU A 314 31.27 5.76 22.73
C LEU A 314 31.64 7.05 23.46
N GLY A 315 31.19 7.20 24.71
CA GLY A 315 31.57 8.35 25.50
C GLY A 315 33.04 8.40 25.88
N LYS A 316 33.73 7.27 25.80
CA LYS A 316 35.18 7.24 25.99
C LYS A 316 35.95 7.43 24.69
N ILE A 317 35.28 7.36 23.55
CA ILE A 317 35.91 7.61 22.25
C ILE A 317 35.91 9.10 22.00
N GLU A 318 37.08 9.63 21.64
CA GLU A 318 37.23 11.08 21.47
C GLU A 318 36.40 11.58 20.30
N GLY A 319 35.80 12.75 20.49
CA GLY A 319 34.96 13.35 19.48
C GLY A 319 33.68 12.60 19.20
N ILE A 320 33.04 12.06 20.24
CA ILE A 320 31.78 11.35 20.11
C ILE A 320 30.86 11.82 21.24
N LYS A 321 29.75 12.46 20.87
CA LYS A 321 28.72 12.88 21.83
C LYS A 321 27.44 12.13 21.51
N VAL A 322 27.02 11.25 22.41
CA VAL A 322 25.77 10.52 22.28
C VAL A 322 24.65 11.38 22.84
N LEU A 323 23.68 11.72 22.00
CA LEU A 323 22.66 12.70 22.37
C LEU A 323 21.41 12.10 22.97
N ASN A 324 21.25 10.78 22.93
CA ASN A 324 20.16 10.10 23.63
C ASN A 324 20.72 9.22 24.74
N LYS A 325 21.80 9.67 25.37
CA LYS A 325 22.38 8.97 26.50
C LYS A 325 21.48 9.11 27.73
N GLY A 326 21.29 8.01 28.46
CA GLY A 326 20.60 8.05 29.73
C GLY A 326 19.16 7.57 29.69
N ILE A 327 18.60 7.34 28.51
CA ILE A 327 17.24 6.82 28.39
C ILE A 327 17.31 5.39 27.90
N ASN A 328 16.32 4.59 28.30
CA ASN A 328 16.19 3.21 27.87
C ASN A 328 15.40 3.22 26.56
N ALA A 329 16.12 3.17 25.44
CA ALA A 329 15.50 3.27 24.11
C ALA A 329 16.07 2.17 23.23
N PHE A 330 15.70 2.20 21.96
CA PHE A 330 16.11 1.18 20.99
C PHE A 330 16.98 1.76 19.88
N ASN A 331 17.45 2.99 20.02
CA ASN A 331 18.37 3.58 19.06
C ASN A 331 19.40 4.41 19.82
N SER A 332 20.46 4.79 19.12
CA SER A 332 21.52 5.63 19.69
C SER A 332 21.93 6.65 18.63
N ILE A 333 21.51 7.88 18.81
CA ILE A 333 21.88 8.99 17.94
C ILE A 333 23.10 9.67 18.53
N PHE A 334 24.16 9.82 17.73
CA PHE A 334 25.39 10.40 18.18
C PHE A 334 26.04 11.16 17.03
N ILE A 335 26.95 12.07 17.38
CA ILE A 335 27.67 12.86 16.40
C ILE A 335 29.17 12.68 16.64
N LYS A 336 29.94 12.73 15.56
CA LYS A 336 31.39 12.78 15.63
C LYS A 336 31.82 14.21 15.31
N GLU A 337 32.53 14.84 16.24
CA GLU A 337 32.91 16.24 16.10
C GLU A 337 33.64 16.49 14.79
N ASN A 338 33.24 17.57 14.10
CA ASN A 338 33.83 18.05 12.86
C ASN A 338 33.62 17.10 11.68
N ILE A 339 32.83 16.04 11.86
CA ILE A 339 32.49 15.12 10.78
C ILE A 339 30.98 15.08 10.64
N PHE A 340 30.50 15.29 9.42
CA PHE A 340 29.07 15.19 9.15
C PHE A 340 28.62 13.74 9.15
N SER A 341 27.39 13.51 9.60
CA SER A 341 26.88 12.17 9.77
C SER A 341 26.76 11.43 8.44
N GLN A 342 26.60 12.16 7.33
CA GLN A 342 26.60 11.51 6.02
C GLN A 342 27.92 10.83 5.75
N ASP A 343 29.02 11.51 6.07
CA ASP A 343 30.35 10.99 5.75
C ASP A 343 30.74 9.87 6.71
N PHE A 344 30.42 10.02 8.00
CA PHE A 344 30.75 8.98 8.96
C PHE A 344 29.92 7.72 8.73
N SER A 345 28.69 7.86 8.23
CA SER A 345 27.89 6.69 7.89
C SER A 345 28.41 5.99 6.64
N SER A 346 29.01 6.75 5.71
CA SER A 346 29.67 6.14 4.55
C SER A 346 30.95 5.42 4.97
N TYR A 347 31.67 5.95 5.96
CA TYR A 347 32.82 5.24 6.50
C TYR A 347 32.38 3.92 7.14
N LEU A 348 31.30 3.96 7.94
CA LEU A 348 30.77 2.73 8.52
C LEU A 348 30.21 1.81 7.44
N GLY A 349 29.68 2.38 6.35
CA GLY A 349 29.17 1.55 5.28
C GLY A 349 30.27 0.79 4.55
N ASN A 350 31.40 1.43 4.31
CA ASN A 350 32.55 0.73 3.73
C ASN A 350 33.18 -0.24 4.73
N LYS A 351 32.98 -0.02 6.02
CA LYS A 351 33.29 -1.02 7.03
C LYS A 351 32.17 -2.01 7.23
N LYS A 352 31.18 -2.02 6.32
CA LYS A 352 30.08 -2.99 6.30
C LYS A 352 29.18 -2.87 7.52
N ILE A 353 28.97 -1.64 8.01
CA ILE A 353 28.04 -1.36 9.09
C ILE A 353 26.95 -0.46 8.53
N ILE A 354 25.74 -1.00 8.40
CA ILE A 354 24.63 -0.29 7.79
C ILE A 354 23.94 0.54 8.88
N VAL A 355 24.18 1.84 8.84
CA VAL A 355 23.52 2.79 9.74
C VAL A 355 22.76 3.81 8.91
N ARG A 356 22.20 4.82 9.56
CA ARG A 356 21.50 5.88 8.85
C ARG A 356 21.98 7.24 9.36
N SER A 357 21.97 8.22 8.45
CA SER A 357 22.42 9.57 8.73
C SER A 357 21.26 10.53 8.61
N GLY A 358 21.40 11.70 9.26
CA GLY A 358 20.37 12.72 9.20
C GLY A 358 19.31 12.55 10.26
N LEU A 359 18.32 13.43 10.19
CA LEU A 359 17.23 13.46 11.17
C LEU A 359 16.23 12.32 10.98
N SER A 360 16.40 11.49 9.94
CA SER A 360 15.59 10.30 9.73
C SER A 360 14.10 10.63 9.65
N CYS A 361 13.79 11.53 8.71
CA CYS A 361 12.42 11.98 8.42
C CYS A 361 11.75 12.66 9.60
N ALA A 362 12.47 12.91 10.68
CA ALA A 362 11.98 13.72 11.79
C ALA A 362 12.57 15.12 11.69
N LYS A 363 12.32 15.76 10.55
CA LYS A 363 12.93 17.02 10.11
C LYS A 363 12.54 18.22 10.97
N LEU A 364 11.87 18.01 12.09
CA LEU A 364 11.63 19.05 13.07
C LEU A 364 12.44 18.84 14.36
N ALA A 365 13.19 17.74 14.46
CA ALA A 365 13.97 17.41 15.64
C ALA A 365 15.29 18.16 15.72
N ASN A 366 15.58 19.05 14.76
CA ASN A 366 16.73 19.92 14.88
C ASN A 366 16.56 20.97 15.97
N GLU A 367 15.37 21.07 16.56
CA GLU A 367 15.12 21.92 17.71
C GLU A 367 15.34 21.21 19.04
N ILE A 368 15.49 19.89 19.02
CA ILE A 368 15.81 19.13 20.22
C ILE A 368 17.30 18.86 20.33
N LEU A 369 17.94 18.51 19.21
CA LEU A 369 19.37 18.19 19.18
C LEU A 369 20.24 19.38 18.82
N ASN A 370 19.63 20.48 18.35
CA ASN A 370 20.38 21.62 17.80
C ASN A 370 21.37 21.15 16.75
N LEU A 371 20.93 20.19 15.93
CA LEU A 371 21.74 19.58 14.88
C LEU A 371 20.81 19.11 13.78
N ASP A 372 21.21 19.34 12.53
CA ASP A 372 20.46 18.85 11.38
C ASP A 372 21.01 17.53 10.86
N HIS A 373 21.84 16.84 11.65
CA HIS A 373 22.40 15.57 11.24
C HIS A 373 22.79 14.77 12.47
N VAL A 374 22.53 13.46 12.42
CA VAL A 374 22.93 12.51 13.47
C VAL A 374 23.16 11.16 12.80
N VAL A 375 23.84 10.28 13.54
CA VAL A 375 24.03 8.90 13.12
C VAL A 375 23.13 8.03 14.01
N ARG A 376 22.19 7.33 13.40
CA ARG A 376 21.22 6.52 14.14
C ARG A 376 21.65 5.06 14.09
N VAL A 377 22.00 4.53 15.25
CA VAL A 377 22.35 3.12 15.41
C VAL A 377 21.12 2.44 16.01
N SER A 378 20.30 1.83 15.16
CA SER A 378 19.02 1.27 15.57
C SER A 378 19.16 -0.21 15.91
N TYR A 379 18.43 -0.66 16.93
CA TYR A 379 18.49 -2.04 17.38
C TYR A 379 17.13 -2.72 17.22
N HIS A 380 17.18 -4.05 17.18
CA HIS A 380 16.00 -4.90 17.29
C HIS A 380 16.38 -6.07 18.20
N PHE A 381 15.47 -7.03 18.33
CA PHE A 381 15.71 -8.15 19.23
C PHE A 381 16.85 -9.05 18.76
N TYR A 382 17.22 -9.02 17.49
CA TYR A 382 18.28 -9.86 16.97
C TYR A 382 19.67 -9.23 17.11
N THR A 383 19.74 -8.00 17.60
CA THR A 383 21.03 -7.35 17.76
C THR A 383 21.79 -7.94 18.95
N ASN A 384 23.05 -8.29 18.72
CA ASN A 384 23.88 -8.91 19.75
C ASN A 384 25.07 -8.02 20.07
N LYS A 385 25.81 -8.43 21.11
CA LYS A 385 26.97 -7.65 21.55
C LYS A 385 28.05 -7.60 20.48
N SER A 386 28.17 -8.64 19.66
CA SER A 386 29.16 -8.64 18.58
C SER A 386 28.86 -7.52 17.59
N ASP A 387 27.57 -7.31 17.26
CA ASP A 387 27.20 -6.22 16.36
C ASP A 387 27.62 -4.87 16.92
N ILE A 388 27.37 -4.65 18.22
CA ILE A 388 27.72 -3.37 18.83
C ILE A 388 29.23 -3.25 18.99
N ASP A 389 29.91 -4.35 19.33
CA ASP A 389 31.37 -4.32 19.48
C ASP A 389 32.06 -3.87 18.20
N LYS A 390 31.61 -4.38 17.04
CA LYS A 390 32.26 -4.02 15.78
C LYS A 390 32.02 -2.56 15.42
N LEU A 391 30.89 -2.00 15.84
CA LEU A 391 30.66 -0.57 15.63
C LEU A 391 31.64 0.27 16.43
N ILE A 392 31.84 -0.10 17.71
CA ILE A 392 32.80 0.61 18.55
C ILE A 392 34.20 0.53 17.93
N LYS A 393 34.56 -0.64 17.42
CA LYS A 393 35.87 -0.81 16.79
C LYS A 393 36.03 0.12 15.59
N ALA A 394 35.03 0.16 14.71
CA ALA A 394 35.12 1.00 13.53
C ALA A 394 35.20 2.47 13.90
N VAL A 395 34.41 2.90 14.89
CA VAL A 395 34.46 4.29 15.33
C VAL A 395 35.85 4.64 15.86
N LYS A 396 36.51 3.68 16.48
CA LYS A 396 37.83 3.94 17.05
C LYS A 396 38.90 3.98 16.00
N GLU A 397 38.70 3.29 14.90
CA GLU A 397 39.66 3.25 13.80
C GLU A 397 39.49 4.42 12.83
N PHE A 398 38.79 5.48 13.23
CA PHE A 398 38.62 6.66 12.39
C PHE A 398 39.78 7.63 12.59
N MET B 1 8.90 -17.18 -23.87
CA MET B 1 8.91 -16.98 -22.42
C MET B 1 7.53 -17.25 -21.82
N LEU B 2 6.49 -16.69 -22.44
CA LEU B 2 5.12 -16.84 -21.98
C LEU B 2 4.52 -18.19 -22.33
N LYS B 3 5.22 -19.02 -23.10
CA LYS B 3 4.77 -20.39 -23.35
C LYS B 3 5.30 -21.38 -22.32
N ASN B 4 6.45 -21.09 -21.73
CA ASN B 4 6.95 -21.85 -20.58
C ASN B 4 6.39 -21.33 -19.26
N LEU B 5 5.37 -20.47 -19.32
CA LEU B 5 4.76 -19.95 -18.09
C LEU B 5 4.25 -21.06 -17.20
N ARG B 6 3.59 -22.08 -17.79
CA ARG B 6 3.02 -23.16 -17.00
C ARG B 6 4.09 -23.92 -16.24
N ASN B 7 5.30 -24.02 -16.80
CA ASN B 7 6.38 -24.76 -16.16
C ASN B 7 7.12 -23.94 -15.12
N GLU B 8 6.99 -22.62 -15.14
CA GLU B 8 7.60 -21.77 -14.12
C GLU B 8 6.66 -21.38 -13.00
N ILE B 9 5.35 -21.45 -13.22
CA ILE B 9 4.37 -21.27 -12.15
C ILE B 9 4.27 -22.57 -11.38
N GLU B 10 4.70 -22.55 -10.12
CA GLU B 10 4.69 -23.74 -9.28
C GLU B 10 3.35 -23.97 -8.59
N TRP B 11 2.35 -23.12 -8.88
CA TRP B 11 0.99 -23.39 -8.40
C TRP B 11 0.43 -24.66 -9.01
N PHE B 12 0.71 -24.90 -10.30
CA PHE B 12 0.15 -26.06 -10.99
C PHE B 12 0.71 -27.37 -10.46
N LYS B 13 1.93 -27.34 -9.90
CA LYS B 13 2.52 -28.55 -9.33
C LYS B 13 1.96 -28.83 -7.94
N ASN B 14 1.97 -27.83 -7.05
CA ASN B 14 1.55 -28.05 -5.68
C ASN B 14 0.05 -28.33 -5.59
N ASN B 15 -0.74 -27.79 -6.51
CA ASN B 15 -2.18 -28.03 -6.58
C ASN B 15 -2.52 -28.49 -7.99
N PRO B 16 -2.36 -29.79 -8.28
CA PRO B 16 -2.49 -30.26 -9.67
C PRO B 16 -3.89 -30.74 -10.02
N ASP B 17 -4.71 -31.05 -9.03
CA ASP B 17 -6.10 -31.41 -9.30
C ASP B 17 -6.99 -30.19 -9.49
N TYR B 18 -6.50 -29.00 -9.19
CA TYR B 18 -7.30 -27.80 -9.28
C TYR B 18 -6.99 -27.08 -10.59
N VAL B 19 -7.99 -26.38 -11.11
CA VAL B 19 -7.77 -25.48 -12.24
C VAL B 19 -8.06 -24.06 -11.78
N TYR B 20 -7.37 -23.10 -12.37
CA TYR B 20 -7.50 -21.70 -12.01
C TYR B 20 -8.12 -20.94 -13.19
N LEU B 21 -9.39 -20.56 -13.04
CA LEU B 21 -10.07 -19.73 -14.02
C LEU B 21 -10.60 -18.45 -13.39
N ASP B 22 -9.89 -17.95 -12.38
CA ASP B 22 -10.16 -16.66 -11.77
C ASP B 22 -8.94 -15.74 -11.91
N SER B 23 -8.26 -15.83 -13.05
CA SER B 23 -7.07 -15.04 -13.32
C SER B 23 -7.37 -13.56 -13.51
N GLY B 24 -8.64 -13.16 -13.49
CA GLY B 24 -9.05 -11.77 -13.51
C GLY B 24 -9.08 -11.08 -12.18
N ALA B 25 -9.02 -11.84 -11.08
CA ALA B 25 -8.91 -11.26 -9.74
C ALA B 25 -7.47 -11.21 -9.26
N THR B 26 -6.72 -12.30 -9.45
CA THR B 26 -5.28 -12.31 -9.24
C THR B 26 -4.69 -13.41 -10.12
N SER B 27 -3.45 -13.20 -10.56
CA SER B 27 -2.80 -14.12 -11.46
C SER B 27 -1.80 -14.98 -10.70
N LEU B 28 -1.59 -16.20 -11.19
CA LEU B 28 -0.60 -17.08 -10.60
C LEU B 28 0.80 -16.56 -10.87
N LYS B 29 1.69 -16.79 -9.91
CA LYS B 29 2.98 -16.11 -9.94
C LYS B 29 4.06 -17.01 -10.50
N PRO B 30 4.82 -16.55 -11.49
CA PRO B 30 6.00 -17.29 -11.92
C PRO B 30 7.04 -17.36 -10.81
N LYS B 31 7.94 -18.34 -10.93
CA LYS B 31 8.92 -18.56 -9.87
C LYS B 31 10.02 -17.51 -9.87
N SER B 32 10.26 -16.83 -10.99
CA SER B 32 11.23 -15.74 -10.99
C SER B 32 10.75 -14.58 -10.14
N VAL B 33 9.45 -14.32 -10.13
CA VAL B 33 8.88 -13.31 -9.25
C VAL B 33 9.12 -13.67 -7.79
N VAL B 34 8.65 -14.85 -7.38
CA VAL B 34 8.70 -15.24 -5.98
C VAL B 34 10.13 -15.28 -5.46
N ASP B 35 11.06 -15.73 -6.30
CA ASP B 35 12.44 -15.90 -5.85
C ASP B 35 13.14 -14.56 -5.62
N ASN B 36 12.82 -13.54 -6.43
CA ASN B 36 13.48 -12.25 -6.26
C ASN B 36 13.00 -11.54 -5.00
N MET B 37 11.75 -11.80 -4.57
CA MET B 37 11.29 -11.25 -3.30
C MET B 37 11.89 -11.99 -2.11
N VAL B 38 12.19 -13.29 -2.26
CA VAL B 38 12.97 -14.00 -1.25
C VAL B 38 14.38 -13.43 -1.17
N TYR B 39 14.92 -12.97 -2.31
CA TYR B 39 16.25 -12.38 -2.31
C TYR B 39 16.30 -11.13 -1.45
N TYR B 40 15.37 -10.18 -1.69
CA TYR B 40 15.30 -8.99 -0.86
C TYR B 40 15.21 -9.32 0.62
N CYS B 41 14.23 -10.16 0.98
CA CYS B 41 13.97 -10.44 2.39
C CYS B 41 15.18 -11.09 3.07
N ASN B 42 15.85 -11.99 2.36
CA ASN B 42 16.90 -12.81 2.96
C ASN B 42 18.31 -12.39 2.59
N ASN B 43 18.47 -11.41 1.68
CA ASN B 43 19.81 -11.00 1.24
C ASN B 43 20.02 -9.50 1.20
N VAL B 44 18.97 -8.69 1.06
CA VAL B 44 19.12 -7.24 1.04
C VAL B 44 18.47 -6.65 2.29
N CYS B 45 17.15 -6.51 2.26
CA CYS B 45 16.36 -6.08 3.41
C CYS B 45 16.82 -4.71 3.92
N THR B 46 16.70 -3.71 3.05
CA THR B 46 17.07 -2.34 3.37
C THR B 46 15.95 -1.39 2.97
N ASN B 47 15.87 -0.26 3.67
CA ASN B 47 14.93 0.78 3.29
C ASN B 47 15.47 1.57 2.11
N PRO B 48 14.59 2.04 1.21
CA PRO B 48 15.05 2.86 0.09
C PRO B 48 15.27 4.31 0.46
N HIS B 49 14.92 4.70 1.69
CA HIS B 49 15.25 6.01 2.20
C HIS B 49 16.71 6.10 2.65
N ASN B 50 17.41 4.96 2.72
CA ASN B 50 18.82 4.91 3.05
C ASN B 50 19.63 4.85 1.76
N ASP B 51 20.66 5.69 1.66
CA ASP B 51 21.64 5.66 0.59
C ASP B 51 23.02 5.87 1.16
N ASP B 52 23.28 5.27 2.32
CA ASP B 52 24.52 5.45 3.05
C ASP B 52 25.46 4.25 2.94
N SER B 53 25.10 3.24 2.16
CA SER B 53 25.91 2.03 2.06
C SER B 53 25.69 1.40 0.68
N THR B 54 26.37 0.27 0.45
CA THR B 54 26.20 -0.45 -0.81
C THR B 54 24.90 -1.23 -0.82
N PHE B 55 24.58 -1.91 0.29
CA PHE B 55 23.31 -2.64 0.38
C PHE B 55 22.11 -1.71 0.28
N ALA B 56 22.25 -0.46 0.73
CA ALA B 56 21.15 0.48 0.69
C ALA B 56 20.88 1.00 -0.72
N HIS B 57 21.93 1.19 -1.52
CA HIS B 57 21.75 1.67 -2.89
C HIS B 57 21.32 0.56 -3.86
N GLN B 58 21.51 -0.70 -3.48
CA GLN B 58 21.06 -1.79 -4.34
C GLN B 58 19.56 -1.73 -4.58
N ALA B 59 18.79 -1.32 -3.57
CA ALA B 59 17.35 -1.20 -3.73
C ALA B 59 16.99 -0.06 -4.67
N HIS B 60 17.69 1.07 -4.59
CA HIS B 60 17.46 2.17 -5.53
C HIS B 60 17.61 1.71 -6.97
N ILE B 61 18.63 0.87 -7.24
CA ILE B 61 18.88 0.45 -8.61
C ILE B 61 17.74 -0.42 -9.12
N VAL B 62 17.24 -1.33 -8.29
CA VAL B 62 16.15 -2.21 -8.70
C VAL B 62 14.86 -1.41 -8.91
N MET B 63 14.62 -0.41 -8.05
CA MET B 63 13.43 0.41 -8.21
C MET B 63 13.45 1.18 -9.52
N ASP B 64 14.62 1.67 -9.93
CA ASP B 64 14.73 2.36 -11.20
C ASP B 64 14.56 1.39 -12.37
N ASP B 65 15.09 0.17 -12.23
CA ASP B 65 14.95 -0.82 -13.29
C ASP B 65 13.50 -1.23 -13.49
N THR B 66 12.76 -1.44 -12.39
CA THR B 66 11.34 -1.76 -12.49
C THR B 66 10.56 -0.63 -13.15
N LYS B 67 10.98 0.62 -12.93
CA LYS B 67 10.32 1.74 -13.59
C LYS B 67 10.66 1.80 -15.07
N ASN B 68 11.93 1.56 -15.41
CA ASN B 68 12.33 1.54 -16.81
C ASN B 68 11.61 0.45 -17.57
N LYS B 69 11.50 -0.75 -16.99
CA LYS B 69 10.78 -1.84 -17.63
C LYS B 69 9.31 -1.49 -17.81
N LEU B 70 8.68 -0.94 -16.76
CA LEU B 70 7.31 -0.46 -16.87
C LEU B 70 7.17 0.59 -17.97
N SER B 71 8.19 1.42 -18.18
CA SER B 71 8.14 2.44 -19.22
C SER B 71 8.21 1.82 -20.61
N LYS B 72 8.82 0.63 -20.75
CA LYS B 72 8.85 -0.01 -22.05
C LYS B 72 7.59 -0.81 -22.32
N VAL B 73 6.94 -1.34 -21.28
CA VAL B 73 5.67 -2.02 -21.44
C VAL B 73 4.53 -1.03 -21.67
N LEU B 74 4.76 0.25 -21.38
CA LEU B 74 3.70 1.25 -21.43
C LEU B 74 3.99 2.41 -22.36
N GLY B 75 5.18 2.50 -22.93
CA GLY B 75 5.56 3.77 -23.51
C GLY B 75 5.89 4.73 -22.38
N THR B 76 6.04 6.01 -22.75
CA THR B 76 6.47 7.08 -21.87
C THR B 76 7.74 6.69 -21.09
N LYS B 77 8.12 7.49 -20.10
CA LYS B 77 9.40 7.29 -19.41
C LYS B 77 9.16 7.01 -17.93
N LYS B 78 10.28 6.77 -17.22
CA LYS B 78 10.24 6.51 -15.79
C LYS B 78 9.64 7.69 -15.03
N GLU B 79 10.01 8.91 -15.42
CA GLU B 79 9.57 10.13 -14.75
C GLU B 79 8.10 10.46 -14.98
N ASN B 80 7.36 9.61 -15.70
CA ASN B 80 5.92 9.72 -15.83
C ASN B 80 5.17 8.68 -15.04
N LEU B 81 5.85 7.67 -14.52
CA LEU B 81 5.23 6.55 -13.81
C LEU B 81 5.50 6.68 -12.31
N VAL B 82 4.46 6.48 -11.52
CA VAL B 82 4.56 6.52 -10.06
C VAL B 82 4.19 5.15 -9.52
N PHE B 83 4.65 4.86 -8.31
CA PHE B 83 4.40 3.58 -7.65
C PHE B 83 3.27 3.75 -6.64
N THR B 84 2.10 3.18 -6.96
CA THR B 84 0.95 3.19 -6.07
C THR B 84 0.87 1.88 -5.30
N PRO B 85 0.11 1.83 -4.21
CA PRO B 85 -0.13 0.53 -3.56
C PRO B 85 -0.97 -0.41 -4.40
N ASN B 86 -1.85 0.12 -5.24
CA ASN B 86 -2.65 -0.68 -6.18
C ASN B 86 -3.27 0.30 -7.18
N ALA B 87 -4.23 -0.20 -7.97
CA ALA B 87 -4.93 0.66 -8.93
C ALA B 87 -6.05 1.46 -8.27
N THR B 88 -6.67 0.91 -7.21
CA THR B 88 -7.68 1.65 -6.47
C THR B 88 -7.09 2.90 -5.81
N TYR B 89 -5.85 2.82 -5.35
CA TYR B 89 -5.21 3.97 -4.72
C TYR B 89 -4.72 4.99 -5.72
N GLY B 90 -4.45 4.58 -6.97
CA GLY B 90 -4.10 5.54 -7.99
C GLY B 90 -5.30 6.24 -8.58
N LEU B 91 -6.43 5.53 -8.70
CA LEU B 91 -7.65 6.18 -9.16
C LEU B 91 -8.17 7.17 -8.13
N ASN B 92 -8.08 6.82 -6.84
CA ASN B 92 -8.44 7.76 -5.79
C ASN B 92 -7.47 8.93 -5.74
N SER B 93 -6.21 8.73 -6.13
CA SER B 93 -5.28 9.84 -6.21
C SER B 93 -5.67 10.79 -7.34
N VAL B 94 -5.97 10.24 -8.52
CA VAL B 94 -6.42 11.07 -9.64
C VAL B 94 -7.65 11.88 -9.25
N ALA B 95 -8.59 11.27 -8.53
CA ALA B 95 -9.77 11.99 -8.10
C ALA B 95 -9.40 13.20 -7.24
N HIS B 96 -8.47 13.02 -6.31
CA HIS B 96 -8.03 14.13 -5.47
C HIS B 96 -7.06 15.05 -6.18
N PHE B 97 -6.39 14.58 -7.23
CA PHE B 97 -5.62 15.48 -8.09
C PHE B 97 -6.53 16.52 -8.75
N LEU B 98 -7.65 16.06 -9.32
CA LEU B 98 -8.53 16.91 -10.10
C LEU B 98 -9.73 17.43 -9.33
N LYS B 99 -9.86 17.11 -8.04
CA LYS B 99 -11.01 17.57 -7.27
C LYS B 99 -11.21 19.08 -7.32
N PRO B 100 -10.19 19.92 -7.14
CA PRO B 100 -10.41 21.37 -7.21
C PRO B 100 -10.47 21.94 -8.62
N PHE B 101 -10.56 21.11 -9.66
CA PHE B 101 -10.64 21.59 -11.03
C PHE B 101 -12.02 21.51 -11.65
N PHE B 102 -13.01 21.03 -10.91
CA PHE B 102 -14.37 20.94 -11.40
C PHE B 102 -15.17 22.19 -11.02
N ASN B 103 -16.21 22.45 -11.79
CA ASN B 103 -17.10 23.58 -11.54
C ASN B 103 -18.55 23.12 -11.72
N LYS B 104 -19.47 24.06 -11.61
CA LYS B 104 -20.89 23.75 -11.74
C LYS B 104 -21.21 23.29 -13.16
N GLY B 105 -21.97 22.21 -13.27
CA GLY B 105 -22.36 21.71 -14.57
C GLY B 105 -21.24 21.05 -15.36
N ASP B 106 -20.11 20.77 -14.71
CA ASP B 106 -19.02 20.03 -15.33
C ASP B 106 -19.29 18.53 -15.16
N GLU B 107 -19.08 17.76 -16.23
CA GLU B 107 -19.50 16.38 -16.25
C GLU B 107 -18.32 15.42 -16.13
N ILE B 108 -18.60 14.27 -15.52
CA ILE B 108 -17.69 13.13 -15.50
C ILE B 108 -18.33 12.03 -16.33
N VAL B 109 -17.66 11.63 -17.41
CA VAL B 109 -18.21 10.65 -18.34
C VAL B 109 -17.60 9.28 -18.00
N LEU B 110 -18.41 8.41 -17.40
CA LEU B 110 -18.04 7.05 -17.04
C LEU B 110 -18.83 6.07 -17.89
N THR B 111 -18.62 4.78 -17.68
CA THR B 111 -19.41 3.78 -18.37
C THR B 111 -20.26 3.02 -17.35
N ASN B 112 -21.03 2.06 -17.85
CA ASN B 112 -21.87 1.21 -17.02
C ASN B 112 -21.24 -0.15 -16.71
N ALA B 113 -20.09 -0.46 -17.29
CA ALA B 113 -19.36 -1.69 -17.02
C ALA B 113 -18.05 -1.43 -16.29
N GLU B 114 -18.00 -0.38 -15.47
CA GLU B 114 -16.78 -0.01 -14.78
C GLU B 114 -16.61 -0.80 -13.48
N HIS B 115 -15.39 -0.74 -12.96
CA HIS B 115 -15.08 -1.29 -11.65
C HIS B 115 -15.51 -0.32 -10.54
N ALA B 116 -15.63 -0.86 -9.33
CA ALA B 116 -15.99 -0.03 -8.18
C ALA B 116 -14.91 1.01 -7.88
N SER B 117 -13.65 0.68 -8.16
CA SER B 117 -12.56 1.65 -8.03
C SER B 117 -12.55 2.68 -9.14
N ASN B 118 -13.38 2.49 -10.17
CA ASN B 118 -13.56 3.46 -11.25
C ASN B 118 -14.97 4.05 -11.26
N ILE B 119 -15.66 4.01 -10.11
CA ILE B 119 -17.00 4.55 -9.99
C ILE B 119 -17.07 5.41 -8.73
N LEU B 120 -16.74 4.80 -7.59
CA LEU B 120 -16.88 5.44 -6.29
C LEU B 120 -15.92 6.60 -6.06
N PRO B 121 -14.67 6.55 -6.53
CA PRO B 121 -13.82 7.75 -6.42
C PRO B 121 -14.42 8.99 -7.06
N TRP B 122 -15.31 8.82 -8.04
CA TRP B 122 -15.94 9.93 -8.73
C TRP B 122 -17.34 10.25 -8.19
N TYR B 123 -17.96 9.30 -7.49
CA TYR B 123 -19.21 9.58 -6.78
C TYR B 123 -18.98 10.52 -5.61
N ASP B 124 -17.84 10.43 -4.96
CA ASP B 124 -17.56 11.31 -3.82
C ASP B 124 -17.41 12.76 -4.28
N ILE B 125 -16.77 12.98 -5.43
CA ILE B 125 -16.72 14.32 -6.00
C ILE B 125 -18.12 14.80 -6.35
N TYR B 126 -18.95 13.90 -6.86
CA TYR B 126 -20.33 14.24 -7.19
C TYR B 126 -21.09 14.72 -5.95
N GLU B 127 -20.95 14.01 -4.83
CA GLU B 127 -21.63 14.36 -3.61
C GLU B 127 -20.89 15.39 -2.76
N GLN B 128 -19.65 15.72 -3.14
CA GLN B 128 -18.96 16.85 -2.50
C GLN B 128 -19.43 18.18 -3.08
N TYR B 129 -19.39 18.29 -4.42
CA TYR B 129 -19.87 19.51 -5.07
C TYR B 129 -21.38 19.66 -4.91
N LYS B 130 -22.10 18.56 -4.66
CA LYS B 130 -23.54 18.65 -4.45
C LYS B 130 -23.85 19.35 -3.13
N ALA B 131 -23.02 19.15 -2.11
CA ALA B 131 -23.26 19.77 -0.81
C ALA B 131 -22.88 21.25 -0.81
N ILE B 132 -21.95 21.66 -1.66
CA ILE B 132 -21.51 23.05 -1.69
C ILE B 132 -22.20 23.74 -2.87
N HIS B 133 -23.28 23.12 -3.35
CA HIS B 133 -24.16 23.71 -4.37
C HIS B 133 -23.37 24.14 -5.60
N GLN B 134 -22.45 23.27 -6.02
CA GLN B 134 -21.79 23.36 -7.32
C GLN B 134 -21.88 22.02 -8.03
N GLU B 135 -23.09 21.45 -8.04
CA GLU B 135 -23.31 20.07 -8.45
C GLU B 135 -22.74 19.80 -9.85
N ILE B 136 -21.95 18.74 -9.94
CA ILE B 136 -21.40 18.28 -11.22
C ILE B 136 -22.35 17.24 -11.78
N LYS B 137 -22.01 16.69 -12.95
CA LYS B 137 -22.85 15.74 -13.65
C LYS B 137 -22.09 14.45 -13.92
N ILE B 138 -22.80 13.33 -13.91
CA ILE B 138 -22.23 12.03 -14.22
C ILE B 138 -22.98 11.44 -15.40
N GLN B 139 -22.25 11.04 -16.44
CA GLN B 139 -22.82 10.47 -17.64
C GLN B 139 -22.38 9.02 -17.75
N TYR B 140 -23.35 8.11 -17.91
CA TYR B 140 -23.09 6.67 -17.91
C TYR B 140 -23.28 6.14 -19.33
N VAL B 141 -22.16 5.78 -19.97
CA VAL B 141 -22.23 5.16 -21.28
C VAL B 141 -22.76 3.74 -21.14
N GLU B 142 -23.73 3.39 -21.97
CA GLU B 142 -24.39 2.08 -21.88
C GLU B 142 -23.42 0.95 -22.22
N ASP B 144 -22.84 -1.70 -24.76
CA ASP B 144 -22.98 -2.91 -25.55
C ASP B 144 -21.65 -3.65 -25.62
N TYR B 145 -21.69 -4.97 -25.41
CA TYR B 145 -20.47 -5.76 -25.34
C TYR B 145 -19.72 -5.76 -26.67
N GLN B 146 -20.42 -6.05 -27.74
CA GLN B 146 -19.76 -6.20 -29.02
C GLN B 146 -19.26 -4.96 -29.67
N SER B 147 -19.76 -3.82 -29.26
CA SER B 147 -19.39 -2.57 -29.91
C SER B 147 -18.01 -2.11 -29.44
N ASP B 148 -17.36 -1.30 -30.28
CA ASP B 148 -16.15 -0.62 -29.85
C ASP B 148 -16.45 0.51 -28.89
N ASN B 149 -17.72 0.94 -28.81
CA ASN B 149 -18.21 1.95 -27.88
C ASN B 149 -17.61 3.32 -28.11
N ILE B 150 -16.91 3.53 -29.24
CA ILE B 150 -16.36 4.84 -29.54
C ILE B 150 -17.46 5.86 -29.77
N GLU B 151 -18.46 5.50 -30.58
CA GLU B 151 -19.54 6.44 -30.88
C GLU B 151 -20.50 6.59 -29.70
N ASN B 152 -20.70 5.53 -28.92
CA ASN B 152 -21.57 5.63 -27.74
C ASN B 152 -20.99 6.59 -26.72
N PHE B 153 -19.66 6.72 -26.69
CA PHE B 153 -18.99 7.69 -25.84
C PHE B 153 -19.20 9.11 -26.34
N LEU B 154 -18.81 9.36 -27.60
CA LEU B 154 -18.75 10.72 -28.11
C LEU B 154 -20.12 11.37 -28.13
N LYS B 155 -21.19 10.57 -28.17
CA LYS B 155 -22.53 11.13 -28.03
C LYS B 155 -22.71 11.85 -26.71
N LYS B 156 -22.02 11.39 -25.66
CA LYS B 156 -22.17 11.95 -24.33
C LYS B 156 -21.13 13.01 -23.99
N ILE B 157 -20.04 13.08 -24.75
CA ILE B 157 -19.01 14.10 -24.52
C ILE B 157 -19.46 15.39 -25.20
N ASN B 158 -19.89 16.36 -24.40
CA ASN B 158 -20.17 17.69 -24.92
C ASN B 158 -18.94 18.57 -24.73
N LYS B 159 -19.16 19.84 -24.40
CA LYS B 159 -18.04 20.74 -24.07
C LYS B 159 -18.07 21.20 -22.62
N ASN B 160 -19.12 20.90 -21.86
CA ASN B 160 -19.18 21.17 -20.44
C ASN B 160 -18.69 20.01 -19.59
N THR B 161 -17.83 19.16 -20.14
CA THR B 161 -17.31 17.99 -19.43
C THR B 161 -15.83 18.19 -19.13
N LYS B 162 -15.39 17.72 -17.95
CA LYS B 162 -14.04 17.89 -17.49
C LYS B 162 -13.22 16.60 -17.45
N LEU B 163 -13.87 15.44 -17.43
CA LEU B 163 -13.18 14.18 -17.20
C LEU B 163 -13.95 13.05 -17.85
N VAL B 164 -13.24 12.24 -18.63
CA VAL B 164 -13.76 10.98 -19.14
C VAL B 164 -12.90 9.87 -18.54
N CYS B 165 -13.51 9.06 -17.68
CA CYS B 165 -12.82 7.98 -16.98
C CYS B 165 -13.44 6.65 -17.43
N PHE B 166 -12.71 5.93 -18.27
CA PHE B 166 -13.16 4.65 -18.79
C PHE B 166 -12.11 3.59 -18.52
N ALA B 167 -12.45 2.34 -18.84
CA ALA B 167 -11.56 1.21 -18.67
C ALA B 167 -11.15 0.68 -20.04
N ASN B 168 -9.84 0.57 -20.27
CA ASN B 168 -9.34 0.00 -21.51
C ASN B 168 -9.92 -1.38 -21.76
N GLU B 169 -10.01 -2.21 -20.71
CA GLU B 169 -10.60 -3.53 -20.79
C GLU B 169 -11.33 -3.80 -19.49
N THR B 170 -12.58 -4.24 -19.58
CA THR B 170 -13.42 -4.40 -18.41
C THR B 170 -13.19 -5.76 -17.74
N ASN B 171 -13.76 -5.90 -16.54
CA ASN B 171 -13.52 -7.07 -15.69
C ASN B 171 -14.51 -8.20 -15.96
N LEU B 172 -15.80 -7.89 -16.10
CA LEU B 172 -16.83 -8.90 -16.29
C LEU B 172 -17.05 -9.23 -17.77
N ILE B 173 -17.29 -8.21 -18.59
CA ILE B 173 -17.55 -8.44 -20.01
C ILE B 173 -16.26 -8.83 -20.72
N GLY B 174 -15.25 -7.95 -20.67
CA GLY B 174 -14.05 -8.12 -21.45
C GLY B 174 -13.99 -7.26 -22.70
N ASN B 175 -15.01 -6.44 -22.95
CA ASN B 175 -14.99 -5.53 -24.08
C ASN B 175 -13.81 -4.58 -23.97
N SER B 176 -13.15 -4.34 -25.09
CA SER B 176 -11.93 -3.54 -25.12
C SER B 176 -12.16 -2.30 -25.97
N ILE B 177 -12.17 -1.14 -25.33
CA ILE B 177 -12.17 0.14 -26.03
C ILE B 177 -10.72 0.53 -26.27
N ASP B 178 -10.44 1.12 -27.43
CA ASP B 178 -9.10 1.63 -27.72
C ASP B 178 -8.96 3.00 -27.07
N ALA B 179 -8.04 3.10 -26.11
CA ALA B 179 -7.83 4.36 -25.39
C ALA B 179 -7.33 5.45 -26.33
N ILE B 180 -6.33 5.13 -27.15
CA ILE B 180 -5.72 6.14 -28.01
C ILE B 180 -6.71 6.64 -29.05
N LYS B 181 -7.62 5.78 -29.51
CA LYS B 181 -8.63 6.21 -30.47
C LYS B 181 -9.64 7.15 -29.81
N LEU B 182 -10.29 6.70 -28.74
CA LEU B 182 -11.25 7.53 -28.03
C LEU B 182 -10.64 8.85 -27.59
N ALA B 183 -9.42 8.80 -27.07
CA ALA B 183 -8.76 10.00 -26.57
C ALA B 183 -8.66 11.08 -27.64
N SER B 184 -8.14 10.71 -28.81
CA SER B 184 -7.98 11.69 -29.88
C SER B 184 -9.32 12.26 -30.33
N GLU B 185 -10.37 11.43 -30.34
CA GLU B 185 -11.68 11.91 -30.76
C GLU B 185 -12.34 12.75 -29.67
N ILE B 186 -12.04 12.48 -28.40
CA ILE B 186 -12.55 13.33 -27.32
C ILE B 186 -11.83 14.68 -27.33
N LYS B 187 -10.50 14.66 -27.42
CA LYS B 187 -9.75 15.91 -27.50
C LYS B 187 -10.06 16.69 -28.77
N LYS B 188 -10.58 16.02 -29.81
CA LYS B 188 -11.06 16.73 -30.98
C LYS B 188 -12.25 17.61 -30.63
N ILE B 189 -13.22 17.05 -29.91
CA ILE B 189 -14.39 17.80 -29.44
C ILE B 189 -13.91 18.90 -28.50
N ASN B 190 -13.44 18.51 -27.32
CA ASN B 190 -12.88 19.42 -26.34
C ASN B 190 -11.48 18.97 -25.95
N PRO B 191 -10.45 19.77 -26.20
CA PRO B 191 -9.09 19.41 -25.76
C PRO B 191 -8.86 19.65 -24.28
N ASN B 192 -9.81 20.26 -23.58
CA ASN B 192 -9.70 20.53 -22.15
C ASN B 192 -10.52 19.52 -21.35
N ILE B 193 -10.17 18.25 -21.54
CA ILE B 193 -10.80 17.13 -20.84
C ILE B 193 -9.70 16.22 -20.31
N PHE B 194 -9.88 15.70 -19.11
CA PHE B 194 -8.98 14.72 -18.53
C PHE B 194 -9.43 13.32 -18.93
N ILE B 195 -8.50 12.49 -19.37
CA ILE B 195 -8.77 11.10 -19.72
C ILE B 195 -8.03 10.21 -18.73
N CYS B 196 -8.79 9.45 -17.95
CA CYS B 196 -8.24 8.52 -16.97
C CYS B 196 -8.68 7.11 -17.35
N VAL B 197 -7.71 6.25 -17.65
CA VAL B 197 -7.98 4.91 -18.17
C VAL B 197 -7.63 3.88 -17.09
N ASP B 198 -8.55 2.95 -16.85
CA ASP B 198 -8.31 1.82 -15.96
C ASP B 198 -7.68 0.70 -16.76
N ALA B 199 -6.35 0.73 -16.89
CA ALA B 199 -5.62 -0.29 -17.60
C ALA B 199 -5.19 -1.44 -16.71
N THR B 200 -5.91 -1.69 -15.61
CA THR B 200 -5.54 -2.76 -14.71
C THR B 200 -5.68 -4.12 -15.38
N GLN B 201 -6.76 -4.32 -16.14
CA GLN B 201 -6.95 -5.57 -16.88
C GLN B 201 -6.40 -5.51 -18.29
N TYR B 202 -6.16 -4.32 -18.84
CA TYR B 202 -5.58 -4.22 -20.17
C TYR B 202 -4.07 -4.48 -20.12
N MET B 203 -3.38 -3.86 -19.16
CA MET B 203 -1.95 -4.10 -18.99
C MET B 203 -1.66 -5.45 -18.34
N ALA B 204 -2.69 -6.22 -18.01
CA ALA B 204 -2.52 -7.59 -17.53
C ALA B 204 -2.44 -8.60 -18.68
N HIS B 205 -2.93 -8.23 -19.87
CA HIS B 205 -2.83 -9.08 -21.05
C HIS B 205 -2.17 -8.40 -22.24
N ASN B 206 -1.95 -7.09 -22.19
CA ASN B 206 -1.48 -6.35 -23.35
C ASN B 206 -0.29 -5.48 -22.96
N ARG B 207 0.22 -4.78 -23.98
CA ARG B 207 1.28 -3.79 -23.86
C ARG B 207 0.73 -2.49 -24.41
N MET B 208 1.34 -1.36 -24.03
CA MET B 208 0.80 -0.08 -24.44
C MET B 208 1.92 0.88 -24.83
N ASN B 209 1.50 2.00 -25.42
CA ASN B 209 2.38 3.10 -25.81
C ASN B 209 1.68 4.39 -25.43
N LEU B 210 2.21 5.10 -24.43
CA LEU B 210 1.61 6.34 -23.93
C LEU B 210 2.33 7.60 -24.38
N GLU B 211 3.56 7.49 -24.89
CA GLU B 211 4.24 8.65 -25.47
C GLU B 211 3.46 9.17 -26.67
N ASN B 212 3.20 10.48 -26.69
CA ASN B 212 2.37 11.11 -27.71
C ASN B 212 0.98 10.47 -27.78
N SER B 213 0.44 10.14 -26.62
CA SER B 213 -0.97 9.82 -26.48
C SER B 213 -1.69 11.00 -25.85
N ASN B 214 -3.01 11.02 -25.97
CA ASN B 214 -3.82 12.10 -25.42
C ASN B 214 -4.53 11.71 -24.13
N ILE B 215 -4.05 10.67 -23.45
CA ILE B 215 -4.62 10.23 -22.18
C ILE B 215 -3.72 10.72 -21.05
N ASP B 216 -4.33 11.25 -20.00
CA ASP B 216 -3.57 11.94 -18.96
C ASP B 216 -3.23 11.06 -17.78
N PHE B 217 -3.99 9.99 -17.52
CA PHE B 217 -3.70 9.07 -16.44
C PHE B 217 -3.94 7.64 -16.89
N VAL B 218 -3.03 6.75 -16.50
CA VAL B 218 -3.17 5.32 -16.74
C VAL B 218 -2.83 4.61 -15.44
N VAL B 219 -3.81 3.88 -14.89
CA VAL B 219 -3.63 3.18 -13.63
C VAL B 219 -3.50 1.68 -13.92
N GLY B 220 -3.09 0.93 -12.89
CA GLY B 220 -2.94 -0.51 -13.02
C GLY B 220 -2.22 -1.13 -11.83
N SER B 221 -2.49 -2.40 -11.54
CA SER B 221 -1.83 -3.13 -10.46
C SER B 221 -0.91 -4.19 -11.04
N ALA B 222 -0.33 -4.99 -10.16
CA ALA B 222 0.62 -6.02 -10.58
C ALA B 222 0.20 -7.44 -10.24
N HIS B 223 -0.76 -7.65 -9.34
CA HIS B 223 -1.13 -9.01 -8.95
C HIS B 223 -1.74 -9.80 -10.10
N LYS B 224 -2.35 -9.11 -11.08
CA LYS B 224 -2.84 -9.74 -12.30
C LYS B 224 -1.90 -9.51 -13.47
N MET B 225 -0.74 -8.91 -13.23
CA MET B 225 0.31 -8.69 -14.23
C MET B 225 1.47 -9.65 -14.04
N LEU B 226 1.18 -10.88 -13.59
CA LEU B 226 2.18 -11.89 -13.26
C LEU B 226 3.10 -11.43 -12.12
N GLY B 227 2.62 -10.48 -11.31
CA GLY B 227 3.42 -9.94 -10.24
C GLY B 227 2.77 -10.03 -8.87
N PRO B 228 3.38 -9.37 -7.89
CA PRO B 228 2.91 -9.48 -6.51
C PRO B 228 1.75 -8.54 -6.19
N THR B 229 1.17 -8.75 -5.00
CA THR B 229 0.15 -7.86 -4.47
C THR B 229 0.82 -6.78 -3.62
N GLY B 230 0.17 -5.62 -3.55
CA GLY B 230 0.68 -4.51 -2.78
C GLY B 230 1.46 -3.48 -3.57
N ILE B 231 1.45 -3.57 -4.91
CA ILE B 231 2.11 -2.56 -5.74
C ILE B 231 1.33 -2.39 -7.03
N GLY B 232 1.38 -1.17 -7.57
CA GLY B 232 0.74 -0.85 -8.83
C GLY B 232 1.48 0.29 -9.50
N PHE B 233 0.79 1.03 -10.37
CA PHE B 233 1.43 2.17 -11.01
C PHE B 233 0.39 3.24 -11.30
N LEU B 234 0.87 4.46 -11.46
CA LEU B 234 0.04 5.61 -11.82
C LEU B 234 0.79 6.42 -12.87
N TYR B 235 0.18 6.56 -14.05
CA TYR B 235 0.74 7.37 -15.12
C TYR B 235 0.23 8.80 -14.98
N ILE B 236 1.14 9.76 -14.88
CA ILE B 236 0.83 11.17 -14.92
C ILE B 236 1.55 11.76 -16.13
N SER B 237 0.80 12.42 -17.00
CA SER B 237 1.39 12.97 -18.22
C SER B 237 2.40 14.05 -17.85
N SER B 238 3.43 14.20 -18.67
CA SER B 238 4.55 15.08 -18.34
C SER B 238 4.18 16.55 -18.30
N ASP B 239 2.94 16.90 -18.66
CA ASP B 239 2.47 18.28 -18.71
C ASP B 239 1.82 18.74 -17.40
N LEU B 240 1.54 17.79 -16.49
CA LEU B 240 0.80 18.07 -15.25
C LEU B 240 1.41 17.37 -14.04
N ILE B 241 2.68 17.01 -14.08
CA ILE B 241 3.34 16.47 -12.89
C ILE B 241 3.42 17.54 -11.81
N GLU B 242 3.84 18.74 -12.19
CA GLU B 242 4.02 19.84 -11.25
C GLU B 242 2.73 20.58 -10.94
N LYS B 243 1.62 20.23 -11.60
CA LYS B 243 0.33 20.86 -11.34
C LYS B 243 -0.54 20.07 -10.37
N MET B 244 -0.37 18.76 -10.29
CA MET B 244 -1.15 17.93 -9.39
C MET B 244 -0.42 17.75 -8.07
N LYS B 245 -1.22 17.68 -7.00
CA LYS B 245 -0.78 17.61 -5.62
C LYS B 245 -1.14 16.26 -5.00
N PRO B 246 -0.23 15.64 -4.27
CA PRO B 246 -0.48 14.29 -3.75
C PRO B 246 -1.55 14.29 -2.66
N ASN B 247 -2.31 13.19 -2.63
CA ASN B 247 -3.30 13.00 -1.58
C ASN B 247 -2.67 12.43 -0.31
N ILE B 248 -1.57 11.69 -0.44
CA ILE B 248 -0.89 11.07 0.69
C ILE B 248 0.42 11.83 0.91
N VAL B 249 0.60 12.35 2.12
CA VAL B 249 1.74 13.19 2.47
C VAL B 249 2.47 12.55 3.65
N GLY B 250 3.80 12.52 3.57
CA GLY B 250 4.59 11.94 4.64
C GLY B 250 6.09 11.95 4.39
N GLY B 251 6.72 10.78 4.35
CA GLY B 251 8.13 10.65 4.09
C GLY B 251 8.40 10.18 2.68
N GLY B 252 9.54 10.61 2.14
CA GLY B 252 9.91 10.32 0.77
C GLY B 252 9.31 11.26 -0.26
N MET B 253 8.53 12.24 0.18
CA MET B 253 7.94 13.25 -0.69
C MET B 253 8.29 14.65 -0.22
N ASN B 254 9.32 14.78 0.61
CA ASN B 254 9.54 15.93 1.47
C ASN B 254 10.87 16.58 1.12
N PHE B 255 10.84 17.88 0.84
CA PHE B 255 12.12 18.57 0.70
C PHE B 255 12.58 19.14 2.03
N GLU B 256 11.71 19.86 2.73
CA GLU B 256 12.03 20.40 4.04
C GLU B 256 10.76 20.62 4.84
N ILE B 257 10.83 20.32 6.13
CA ILE B 257 9.77 20.63 7.08
C ILE B 257 10.24 21.77 7.97
N LYS B 258 9.44 22.82 8.03
CA LYS B 258 9.53 23.82 9.09
C LYS B 258 8.19 23.83 9.83
N ARG B 259 8.12 24.60 10.90
CA ARG B 259 6.85 24.70 11.62
C ARG B 259 5.83 25.40 10.73
N ASN B 260 4.73 24.71 10.43
CA ASN B 260 3.64 25.20 9.59
C ASN B 260 4.05 25.40 8.14
N TYR B 261 5.12 24.75 7.70
CA TYR B 261 5.59 24.88 6.32
C TYR B 261 6.20 23.55 5.88
N TYR B 262 5.83 23.10 4.69
CA TYR B 262 6.48 21.95 4.08
C TYR B 262 6.57 22.15 2.58
N SER B 263 7.73 21.85 2.02
CA SER B 263 7.98 21.95 0.59
C SER B 263 7.99 20.56 -0.01
N LEU B 264 7.62 20.49 -1.29
CA LEU B 264 7.47 19.22 -1.99
C LEU B 264 8.73 18.89 -2.79
N LEU B 265 9.08 17.60 -2.80
CA LEU B 265 10.02 17.12 -3.79
C LEU B 265 9.39 17.22 -5.18
N SER B 266 10.21 17.18 -6.21
CA SER B 266 9.75 17.36 -7.57
C SER B 266 9.84 16.04 -8.35
N GLY B 267 9.01 15.93 -9.37
CA GLY B 267 8.92 14.71 -10.15
C GLY B 267 7.84 13.78 -9.64
N THR B 268 8.06 12.47 -9.76
CA THR B 268 7.12 11.48 -9.28
C THR B 268 7.27 11.17 -7.79
N ALA B 269 8.31 11.70 -7.14
CA ALA B 269 8.59 11.40 -5.74
C ALA B 269 7.60 12.06 -4.78
N LYS B 270 6.99 13.17 -5.17
CA LYS B 270 6.00 13.82 -4.30
C LYS B 270 4.72 12.99 -4.17
N PHE B 271 4.38 12.20 -5.20
CA PHE B 271 3.28 11.25 -5.11
C PHE B 271 3.71 9.91 -4.54
N GLU B 272 5.01 9.71 -4.31
CA GLU B 272 5.55 8.46 -3.79
C GLU B 272 5.91 8.66 -2.32
N ALA B 273 4.89 8.62 -1.48
CA ALA B 273 5.03 8.89 -0.07
C ALA B 273 5.04 7.60 0.75
N GLY B 274 5.54 7.70 1.98
CA GLY B 274 5.72 6.54 2.82
C GLY B 274 6.92 5.70 2.41
N THR B 275 7.05 4.55 3.05
CA THR B 275 8.07 3.61 2.64
C THR B 275 7.63 2.88 1.37
N ALA B 276 8.59 2.24 0.71
CA ALA B 276 8.34 1.55 -0.54
C ALA B 276 8.15 0.06 -0.31
N ASN B 277 7.37 -0.56 -1.19
CA ASN B 277 7.25 -2.02 -1.24
C ASN B 277 8.30 -2.57 -2.18
N ILE B 278 9.57 -2.50 -1.71
CA ILE B 278 10.68 -2.98 -2.52
C ILE B 278 10.57 -4.47 -2.77
N MET B 279 10.02 -5.22 -1.79
CA MET B 279 9.79 -6.64 -1.99
C MET B 279 8.93 -6.89 -3.22
N ALA B 280 7.86 -6.11 -3.39
CA ALA B 280 7.03 -6.20 -4.59
C ALA B 280 7.71 -5.57 -5.80
N ILE B 281 8.52 -4.54 -5.60
CA ILE B 281 9.33 -3.99 -6.69
C ILE B 281 10.25 -5.06 -7.25
N TYR B 282 10.85 -5.86 -6.35
CA TYR B 282 11.76 -6.92 -6.78
C TYR B 282 11.02 -7.96 -7.61
N GLY B 283 9.84 -8.38 -7.15
CA GLY B 283 9.07 -9.36 -7.88
C GLY B 283 8.51 -8.84 -9.19
N TRP B 284 8.26 -7.54 -9.27
CA TRP B 284 7.72 -6.96 -10.51
C TRP B 284 8.79 -6.76 -11.56
N ASN B 285 10.06 -6.63 -11.14
CA ASN B 285 11.17 -6.60 -12.09
C ASN B 285 11.15 -7.84 -12.99
N LYS B 286 10.92 -9.01 -12.39
CA LYS B 286 10.93 -10.25 -13.16
C LYS B 286 9.63 -10.46 -13.91
N ALA B 287 8.51 -10.01 -13.33
CA ALA B 287 7.21 -10.14 -14.00
C ALA B 287 7.18 -9.37 -15.31
N LEU B 288 7.73 -8.15 -15.31
CA LEU B 288 7.70 -7.32 -16.51
C LEU B 288 8.57 -7.88 -17.63
N ASP B 289 9.54 -8.75 -17.31
CA ASP B 289 10.32 -9.40 -18.35
C ASP B 289 9.47 -10.28 -19.25
N TYR B 290 8.30 -10.71 -18.77
CA TYR B 290 7.40 -11.53 -19.57
C TYR B 290 6.56 -10.69 -20.53
N TYR B 291 6.23 -9.46 -20.15
CA TYR B 291 5.47 -8.55 -20.99
C TYR B 291 6.32 -7.78 -21.98
N LEU B 292 7.64 -8.02 -21.98
CA LEU B 292 8.52 -7.49 -23.03
C LEU B 292 8.82 -8.53 -24.10
N ASP B 293 8.15 -9.68 -24.05
CA ASP B 293 8.33 -10.72 -25.05
C ASP B 293 7.60 -10.32 -26.33
N ASP B 294 8.05 -10.90 -27.45
CA ASP B 294 7.50 -10.61 -28.77
C ASP B 294 6.28 -11.43 -29.11
N ASP B 295 5.79 -12.28 -28.19
CA ASP B 295 4.68 -13.19 -28.47
C ASP B 295 3.41 -12.84 -27.70
N LEU B 296 3.30 -11.59 -27.23
CA LEU B 296 2.09 -11.19 -26.52
C LEU B 296 0.86 -11.33 -27.41
N GLU B 297 0.95 -10.86 -28.66
CA GLU B 297 -0.19 -10.92 -29.57
C GLU B 297 -0.56 -12.36 -29.91
N ASN B 298 0.42 -13.28 -29.92
CA ASN B 298 0.12 -14.67 -30.26
C ASN B 298 -0.59 -15.38 -29.12
N ALA B 299 -0.08 -15.20 -27.89
CA ALA B 299 -0.71 -15.83 -26.73
C ALA B 299 -2.13 -15.33 -26.51
N LYS B 300 -2.39 -14.05 -26.83
CA LYS B 300 -3.74 -13.53 -26.73
C LYS B 300 -4.67 -14.23 -27.71
N ASN B 301 -4.21 -14.40 -28.96
CA ASN B 301 -5.00 -15.12 -29.95
C ASN B 301 -5.24 -16.56 -29.53
N LYS B 302 -4.24 -17.20 -28.91
CA LYS B 302 -4.42 -18.54 -28.38
C LYS B 302 -5.54 -18.57 -27.34
N ILE B 303 -5.56 -17.58 -26.44
CA ILE B 303 -6.62 -17.50 -25.43
C ILE B 303 -7.96 -17.24 -26.10
N PHE B 304 -7.97 -16.47 -27.19
CA PHE B 304 -9.21 -16.26 -27.94
C PHE B 304 -9.70 -17.55 -28.59
N GLU B 305 -8.78 -18.46 -28.94
CA GLU B 305 -9.18 -19.75 -29.48
C GLU B 305 -9.96 -20.57 -28.44
N LEU B 306 -9.44 -20.62 -27.21
CA LEU B 306 -10.12 -21.35 -26.14
C LEU B 306 -11.37 -20.63 -25.66
N LYS B 307 -11.46 -19.31 -25.84
CA LYS B 307 -12.71 -18.62 -25.54
C LYS B 307 -13.79 -18.99 -26.55
N LYS B 308 -13.45 -18.94 -27.85
CA LYS B 308 -14.34 -19.47 -28.87
C LYS B 308 -14.71 -20.92 -28.58
N TYR B 309 -13.70 -21.72 -28.20
CA TYR B 309 -13.94 -23.14 -27.93
C TYR B 309 -14.90 -23.32 -26.76
N LEU B 310 -14.67 -22.60 -25.66
CA LEU B 310 -15.57 -22.69 -24.52
C LEU B 310 -16.95 -22.12 -24.88
N ASP B 311 -16.99 -20.95 -25.52
CA ASP B 311 -18.26 -20.37 -25.92
C ASP B 311 -19.02 -21.28 -26.87
N PHE B 312 -18.31 -22.09 -27.67
CA PHE B 312 -18.98 -23.03 -28.56
C PHE B 312 -19.55 -24.21 -27.76
N GLU B 313 -18.69 -24.89 -27.01
CA GLU B 313 -19.11 -26.09 -26.26
C GLU B 313 -20.07 -25.71 -25.15
N LEU B 314 -19.60 -24.94 -24.17
CA LEU B 314 -20.51 -24.35 -23.20
C LEU B 314 -21.52 -23.48 -23.93
N GLY B 315 -22.79 -23.89 -23.88
CA GLY B 315 -23.82 -23.32 -24.73
C GLY B 315 -24.56 -24.33 -25.57
N LYS B 316 -23.97 -25.52 -25.79
CA LYS B 316 -24.68 -26.66 -26.30
C LYS B 316 -25.23 -27.53 -25.19
N ILE B 317 -25.14 -27.07 -23.94
CA ILE B 317 -25.64 -27.78 -22.77
C ILE B 317 -26.88 -27.05 -22.27
N GLU B 318 -27.50 -27.57 -21.22
CA GLU B 318 -28.72 -26.97 -20.70
C GLU B 318 -28.54 -26.47 -19.27
N ILE B 320 -27.70 -23.07 -20.11
CA ILE B 320 -26.41 -22.39 -20.10
C ILE B 320 -26.38 -21.32 -21.19
N LYS B 321 -25.99 -20.10 -20.81
CA LYS B 321 -26.02 -18.96 -21.71
C LYS B 321 -24.73 -18.16 -21.54
N VAL B 322 -23.80 -18.33 -22.49
CA VAL B 322 -22.64 -17.44 -22.57
C VAL B 322 -23.14 -16.06 -22.99
N LEU B 323 -22.98 -15.07 -22.12
CA LEU B 323 -23.51 -13.74 -22.35
C LEU B 323 -22.54 -12.80 -23.02
N ASN B 324 -21.24 -13.13 -23.04
CA ASN B 324 -20.23 -12.34 -23.73
C ASN B 324 -19.63 -13.11 -24.90
N LYS B 325 -20.42 -14.02 -25.47
CA LYS B 325 -19.94 -14.85 -26.57
C LYS B 325 -19.86 -14.08 -27.88
N GLY B 326 -18.76 -14.28 -28.60
CA GLY B 326 -18.53 -13.58 -29.84
C GLY B 326 -17.33 -12.66 -29.74
N ILE B 327 -17.32 -11.79 -28.73
CA ILE B 327 -16.18 -10.92 -28.52
C ILE B 327 -14.94 -11.74 -28.19
N ASN B 328 -13.77 -11.20 -28.55
CA ASN B 328 -12.49 -11.84 -28.27
C ASN B 328 -11.95 -11.27 -26.95
N ALA B 329 -11.97 -12.09 -25.90
CA ALA B 329 -11.60 -11.64 -24.58
C ALA B 329 -10.84 -12.73 -23.84
N PHE B 330 -10.31 -12.35 -22.68
CA PHE B 330 -9.65 -13.27 -21.76
C PHE B 330 -10.57 -13.68 -20.63
N ASN B 331 -11.88 -13.64 -20.88
CA ASN B 331 -12.89 -13.83 -19.86
C ASN B 331 -14.19 -14.26 -20.52
N SER B 332 -14.88 -15.21 -19.90
CA SER B 332 -16.17 -15.68 -20.38
C SER B 332 -17.13 -15.75 -19.20
N ILE B 333 -18.29 -15.12 -19.35
CA ILE B 333 -19.33 -15.11 -18.33
C ILE B 333 -20.53 -15.90 -18.85
N PHE B 334 -21.07 -16.76 -18.01
CA PHE B 334 -22.20 -17.60 -18.36
C PHE B 334 -23.04 -17.85 -17.13
N ILE B 335 -24.26 -18.37 -17.35
CA ILE B 335 -25.20 -18.61 -16.27
C ILE B 335 -25.75 -20.02 -16.37
N LYS B 336 -26.23 -20.52 -15.23
CA LYS B 336 -26.99 -21.76 -15.16
C LYS B 336 -28.40 -21.42 -14.68
N GLU B 337 -29.39 -21.80 -15.48
CA GLU B 337 -30.78 -21.45 -15.18
C GLU B 337 -31.42 -22.45 -14.23
N PHE B 340 -28.70 -20.96 -9.52
CA PHE B 340 -28.00 -19.78 -9.02
C PHE B 340 -26.51 -19.87 -9.32
N SER B 341 -25.90 -18.74 -9.70
CA SER B 341 -24.50 -18.75 -10.10
C SER B 341 -23.54 -18.86 -8.92
N GLN B 342 -23.92 -18.36 -7.74
CA GLN B 342 -23.09 -18.59 -6.56
C GLN B 342 -23.06 -20.06 -6.19
N ASP B 343 -24.23 -20.72 -6.20
CA ASP B 343 -24.27 -22.15 -5.90
C ASP B 343 -23.60 -22.98 -6.98
N PHE B 344 -23.61 -22.50 -8.23
CA PHE B 344 -22.95 -23.22 -9.31
C PHE B 344 -21.44 -23.08 -9.25
N SER B 345 -20.94 -21.94 -8.78
CA SER B 345 -19.51 -21.78 -8.57
C SER B 345 -19.02 -22.64 -7.40
N SER B 346 -19.87 -22.84 -6.38
CA SER B 346 -19.53 -23.75 -5.30
C SER B 346 -19.55 -25.19 -5.78
N TYR B 347 -20.49 -25.52 -6.67
CA TYR B 347 -20.45 -26.82 -7.35
C TYR B 347 -19.17 -26.98 -8.14
N LEU B 348 -18.85 -25.98 -8.99
CA LEU B 348 -17.61 -26.01 -9.74
C LEU B 348 -16.40 -26.09 -8.81
N GLY B 349 -16.50 -25.48 -7.62
CA GLY B 349 -15.42 -25.52 -6.67
C GLY B 349 -15.23 -26.86 -6.00
N ASN B 350 -16.30 -27.62 -5.80
CA ASN B 350 -16.19 -28.97 -5.27
C ASN B 350 -15.63 -29.95 -6.31
N LYS B 351 -15.81 -29.65 -7.60
CA LYS B 351 -15.09 -30.35 -8.65
C LYS B 351 -13.74 -29.72 -8.93
N LYS B 352 -13.24 -28.90 -7.99
CA LYS B 352 -11.90 -28.34 -8.04
C LYS B 352 -11.70 -27.42 -9.25
N ILE B 353 -12.76 -26.72 -9.64
CA ILE B 353 -12.70 -25.68 -10.65
C ILE B 353 -12.87 -24.35 -9.95
N ILE B 354 -11.81 -23.56 -9.89
CA ILE B 354 -11.80 -22.30 -9.16
C ILE B 354 -12.31 -21.20 -10.10
N VAL B 355 -13.53 -20.74 -9.84
CA VAL B 355 -14.13 -19.65 -10.58
C VAL B 355 -14.58 -18.57 -9.59
N ARG B 356 -15.37 -17.61 -10.06
CA ARG B 356 -15.86 -16.54 -9.21
C ARG B 356 -17.30 -16.21 -9.60
N SER B 357 -18.11 -15.89 -8.60
CA SER B 357 -19.52 -15.59 -8.79
C SER B 357 -19.80 -14.13 -8.47
N GLY B 358 -20.95 -13.66 -8.95
CA GLY B 358 -21.37 -12.29 -8.72
C GLY B 358 -21.02 -11.37 -9.86
N LEU B 359 -21.10 -10.07 -9.57
CA LEU B 359 -20.81 -9.04 -10.57
C LEU B 359 -19.35 -8.60 -10.54
N SER B 360 -18.56 -9.10 -9.58
CA SER B 360 -17.13 -8.84 -9.51
C SER B 360 -16.82 -7.34 -9.48
N CYS B 361 -17.41 -6.67 -8.49
CA CYS B 361 -17.21 -5.26 -8.17
C CYS B 361 -17.73 -4.31 -9.27
N ALA B 362 -18.34 -4.83 -10.32
CA ALA B 362 -19.01 -4.01 -11.33
C ALA B 362 -20.52 -4.13 -11.14
N LYS B 363 -21.00 -3.56 -10.04
CA LYS B 363 -22.36 -3.81 -9.56
C LYS B 363 -23.41 -2.99 -10.30
N LEU B 364 -23.24 -2.81 -11.60
CA LEU B 364 -24.23 -2.11 -12.42
C LEU B 364 -25.01 -3.14 -13.23
N ALA B 365 -26.32 -3.22 -12.98
CA ALA B 365 -27.21 -4.15 -13.67
C ALA B 365 -26.74 -5.59 -13.55
N HIS B 373 -26.03 -11.65 -10.89
CA HIS B 373 -24.98 -12.63 -10.62
C HIS B 373 -24.65 -13.45 -11.86
N VAL B 374 -23.37 -13.79 -12.03
CA VAL B 374 -22.92 -14.61 -13.15
C VAL B 374 -21.72 -15.44 -12.70
N VAL B 375 -21.42 -16.49 -13.46
CA VAL B 375 -20.21 -17.28 -13.28
C VAL B 375 -19.13 -16.72 -14.19
N ARG B 376 -17.90 -16.66 -13.70
CA ARG B 376 -16.81 -15.99 -14.40
C ARG B 376 -15.69 -16.98 -14.69
N VAL B 377 -15.32 -17.10 -15.96
CA VAL B 377 -14.19 -17.92 -16.40
C VAL B 377 -13.16 -16.97 -16.99
N SER B 378 -12.17 -16.60 -16.19
CA SER B 378 -11.11 -15.69 -16.61
C SER B 378 -9.88 -16.48 -17.02
N TYR B 379 -9.26 -16.07 -18.12
CA TYR B 379 -8.07 -16.72 -18.63
C TYR B 379 -6.86 -15.79 -18.50
N HIS B 380 -5.68 -16.38 -18.72
CA HIS B 380 -4.43 -15.65 -18.83
C HIS B 380 -3.55 -16.41 -19.82
N PHE B 381 -2.29 -15.99 -19.96
CA PHE B 381 -1.40 -16.67 -20.89
C PHE B 381 -1.03 -18.08 -20.47
N TYR B 382 -1.45 -18.55 -19.29
CA TYR B 382 -1.10 -19.89 -18.84
C TYR B 382 -2.27 -20.86 -18.92
N THR B 383 -3.44 -20.43 -19.39
CA THR B 383 -4.54 -21.35 -19.61
C THR B 383 -4.20 -22.31 -20.74
N ASN B 384 -4.62 -23.56 -20.58
CA ASN B 384 -4.18 -24.64 -21.45
C ASN B 384 -5.17 -24.92 -22.57
N LYS B 385 -6.09 -25.83 -22.28
CA LYS B 385 -7.08 -26.41 -23.16
C LYS B 385 -7.64 -27.57 -22.35
N SER B 386 -6.73 -28.22 -21.61
CA SER B 386 -7.12 -29.12 -20.54
C SER B 386 -7.97 -28.40 -19.51
N ASP B 387 -7.60 -27.17 -19.15
CA ASP B 387 -8.39 -26.41 -18.19
C ASP B 387 -9.79 -26.14 -18.72
N ILE B 388 -9.89 -25.78 -20.01
CA ILE B 388 -11.21 -25.58 -20.62
C ILE B 388 -11.98 -26.89 -20.64
N ASP B 389 -11.30 -27.99 -20.99
CA ASP B 389 -11.97 -29.28 -21.09
C ASP B 389 -12.50 -29.74 -19.74
N LYS B 390 -11.70 -29.57 -18.68
CA LYS B 390 -12.15 -29.99 -17.34
C LYS B 390 -13.36 -29.18 -16.88
N LEU B 391 -13.45 -27.91 -17.27
CA LEU B 391 -14.65 -27.14 -16.96
C LEU B 391 -15.84 -27.64 -17.75
N ILE B 392 -15.65 -27.94 -19.04
CA ILE B 392 -16.73 -28.42 -19.88
C ILE B 392 -17.33 -29.70 -19.30
N LYS B 393 -16.47 -30.66 -18.95
CA LYS B 393 -16.95 -31.94 -18.44
C LYS B 393 -17.63 -31.78 -17.09
N ALA B 394 -17.07 -30.96 -16.20
CA ALA B 394 -17.69 -30.75 -14.89
C ALA B 394 -19.03 -30.05 -15.03
N VAL B 395 -19.16 -29.15 -16.01
CA VAL B 395 -20.47 -28.53 -16.28
C VAL B 395 -21.45 -29.58 -16.79
N LYS B 396 -20.96 -30.52 -17.61
CA LYS B 396 -21.83 -31.52 -18.21
C LYS B 396 -22.41 -32.47 -17.16
N GLU B 397 -21.73 -32.63 -16.03
CA GLU B 397 -22.17 -33.56 -14.99
C GLU B 397 -23.15 -32.92 -14.01
N PHE B 398 -23.70 -31.75 -14.32
CA PHE B 398 -24.66 -31.13 -13.42
C PHE B 398 -26.03 -31.78 -13.57
N1 PLP C . 6.70 6.95 12.23
C2 PLP C . 7.62 6.30 12.93
C2A PLP C . 7.85 6.66 14.40
C3 PLP C . 8.34 5.28 12.34
O3 PLP C . 9.31 4.58 13.08
C4 PLP C . 8.13 4.96 11.02
C4A PLP C . 8.96 3.82 10.41
C5 PLP C . 7.16 5.67 10.33
C6 PLP C . 6.47 6.68 10.97
C5A PLP C . 6.86 5.39 8.85
O4P PLP C . 6.09 4.23 8.73
P PLP C . 5.87 3.69 7.18
O1P PLP C . 5.23 2.32 7.21
O2P PLP C . 4.99 4.66 6.44
O3P PLP C . 7.21 3.61 6.50
N1 PLP D . -9.98 -2.39 -11.78
C2 PLP D . -10.12 -3.34 -12.69
C2A PLP D . -10.66 -2.99 -14.09
C3 PLP D . -9.78 -4.65 -12.41
O3 PLP D . -9.93 -5.65 -13.36
C4 PLP D . -9.29 -4.98 -11.15
C4A PLP D . -8.91 -6.42 -10.84
C5 PLP D . -9.16 -3.95 -10.23
C6 PLP D . -9.51 -2.67 -10.58
C5A PLP D . -8.62 -4.25 -8.83
O4P PLP D . -8.05 -3.08 -8.32
P PLP D . -6.74 -3.22 -7.34
O1P PLP D . -5.49 -3.15 -8.19
O2P PLP D . -6.74 -2.11 -6.32
O3P PLP D . -6.79 -4.56 -6.64
#